data_6TE6
#
_entry.id   6TE6
#
_cell.length_a   158.540
_cell.length_b   158.540
_cell.length_c   74.230
_cell.angle_alpha   90.000
_cell.angle_beta   90.000
_cell.angle_gamma   120.000
#
_symmetry.space_group_name_H-M   'P 63'
#
loop_
_entity.id
_entity.type
_entity.pdbx_description
1 polymer 'Histone-lysine N-methyltransferase, H3 lysine-79 specific'
2 non-polymer ~{N}1-[(~{S})-(3-chlorophenyl)-pyridin-2-yl-methyl]-4-methylsulfonyl-~{N}2-pyrimidin-2-yl-benzene-1,2-diamine
3 water water
#
_entity_poly.entity_id   1
_entity_poly.type   'polypeptide(L)'
_entity_poly.pdbx_seq_one_letter_code
;GPGEKLELRLKSPVGAEPAVYPWPLPVYDKHHDAAHEIIETIRWVCEEIPDLKLAMENYVLIDYDTKSFESMQRLCDKYN
RAIDSIHQLWKGTTQPMKLNTRPSTGLLRHILQQVYNHSVTDPEKLNNYEPFSPEVYGETSFDLVAQMIDEIKMTDDDLF
VDLGSGVGQVVLQVAAATNCKHHYGVEKADIPAKYAETMDREFRKWMKWYGKKHAEYTLERGDFLSEEWRERIANTSVIF
VNNFAFGPEVDHQLKERFANMKEGGRIVSSKPFAPLNFRINSRNLSDIGTIMRVVELSPLKGSVSWTGKPVSYYLHTIDR
TILENYFSSLKNPG
;
_entity_poly.pdbx_strand_id   A,B
#
loop_
_chem_comp.id
_chem_comp.type
_chem_comp.name
_chem_comp.formula
N4W non-polymer ~{N}1-[(~{S})-(3-chlorophenyl)-pyridin-2-yl-methyl]-4-methylsulfonyl-~{N}2-pyrimidin-2-yl-benzene-1,2-diamine 'C23 H20 Cl N5 O2 S'
#
# COMPACT_ATOMS: atom_id res chain seq x y z
N LEU A 6 28.91 -20.16 -3.18
CA LEU A 6 28.55 -18.80 -2.76
C LEU A 6 27.07 -18.70 -2.35
N GLU A 7 26.81 -18.51 -1.05
CA GLU A 7 25.46 -18.43 -0.48
C GLU A 7 25.39 -17.57 0.80
N LEU A 8 24.15 -17.21 1.20
CA LEU A 8 23.83 -16.41 2.39
C LEU A 8 22.85 -17.18 3.29
N ARG A 9 23.06 -17.15 4.62
CA ARG A 9 22.17 -17.87 5.54
C ARG A 9 21.64 -17.00 6.66
N LEU A 10 20.34 -17.16 6.96
CA LEU A 10 19.66 -16.47 8.07
C LEU A 10 19.15 -17.53 9.04
N LYS A 11 19.64 -17.50 10.29
CA LYS A 11 19.18 -18.43 11.31
C LYS A 11 17.77 -18.07 11.75
N SER A 12 16.96 -19.09 11.99
CA SER A 12 15.59 -18.89 12.43
C SER A 12 15.58 -18.39 13.90
N PRO A 13 14.70 -17.43 14.25
CA PRO A 13 14.60 -16.99 15.66
C PRO A 13 14.06 -18.07 16.62
N VAL A 14 13.46 -19.15 16.08
CA VAL A 14 12.91 -20.23 16.90
C VAL A 14 13.69 -21.55 16.73
N GLY A 15 14.83 -21.52 16.06
CA GLY A 15 15.67 -22.70 15.90
C GLY A 15 15.22 -23.66 14.80
N ALA A 16 14.38 -23.20 13.86
CA ALA A 16 14.00 -23.99 12.69
C ALA A 16 15.25 -24.01 11.76
N GLU A 17 15.18 -24.78 10.63
CA GLU A 17 16.27 -24.84 9.65
C GLU A 17 16.58 -23.43 9.12
N PRO A 18 17.85 -23.05 8.89
CA PRO A 18 18.11 -21.69 8.41
C PRO A 18 17.56 -21.41 7.00
N ALA A 19 17.34 -20.13 6.70
CA ALA A 19 16.89 -19.72 5.37
C ALA A 19 18.17 -19.58 4.55
N VAL A 20 18.25 -20.26 3.41
CA VAL A 20 19.47 -20.27 2.59
C VAL A 20 19.20 -19.60 1.23
N TYR A 21 20.00 -18.61 0.87
CA TYR A 21 19.86 -17.89 -0.39
C TYR A 21 21.12 -18.07 -1.24
N PRO A 22 21.00 -18.30 -2.56
CA PRO A 22 22.23 -18.39 -3.38
C PRO A 22 22.69 -17.01 -3.84
N TRP A 23 24.00 -16.86 -4.07
CA TRP A 23 24.60 -15.65 -4.61
C TRP A 23 25.08 -15.96 -6.04
N PRO A 24 24.77 -15.12 -7.06
CA PRO A 24 24.04 -13.83 -7.01
C PRO A 24 22.61 -13.98 -6.52
N LEU A 25 22.12 -13.02 -5.72
CA LEU A 25 20.75 -13.06 -5.17
C LEU A 25 19.68 -12.89 -6.25
N PRO A 26 18.58 -13.67 -6.19
CA PRO A 26 17.50 -13.50 -7.19
C PRO A 26 16.89 -12.09 -7.22
N VAL A 27 16.45 -11.67 -8.41
CA VAL A 27 15.79 -10.39 -8.65
C VAL A 27 14.34 -10.72 -8.93
N TYR A 28 13.41 -9.97 -8.32
CA TYR A 28 11.98 -10.20 -8.44
C TYR A 28 11.33 -9.31 -9.51
N ASP A 29 11.72 -8.02 -9.54
CA ASP A 29 11.28 -7.01 -10.52
C ASP A 29 12.29 -5.85 -10.58
N LYS A 30 11.98 -4.79 -11.36
CA LYS A 30 12.86 -3.62 -11.58
C LYS A 30 13.31 -2.90 -10.28
N HIS A 31 12.46 -2.91 -9.21
CA HIS A 31 12.76 -2.20 -7.95
C HIS A 31 12.77 -3.10 -6.69
N HIS A 32 12.60 -4.43 -6.87
CA HIS A 32 12.55 -5.42 -5.78
C HIS A 32 13.44 -6.63 -6.03
N ASP A 33 14.11 -7.13 -4.96
CA ASP A 33 14.99 -8.30 -5.03
C ASP A 33 15.14 -9.07 -3.67
N ALA A 34 15.84 -10.22 -3.68
CA ALA A 34 16.07 -11.04 -2.48
C ALA A 34 16.94 -10.32 -1.43
N ALA A 35 17.77 -9.34 -1.85
CA ALA A 35 18.60 -8.58 -0.91
C ALA A 35 17.70 -7.74 0.00
N HIS A 36 16.70 -7.04 -0.57
CA HIS A 36 15.74 -6.25 0.19
C HIS A 36 14.93 -7.16 1.09
N GLU A 37 14.54 -8.35 0.59
CA GLU A 37 13.79 -9.35 1.37
C GLU A 37 14.60 -9.76 2.62
N ILE A 38 15.92 -9.99 2.49
CA ILE A 38 16.80 -10.35 3.60
C ILE A 38 16.82 -9.24 4.66
N ILE A 39 17.04 -8.00 4.23
CA ILE A 39 17.09 -6.84 5.12
C ILE A 39 15.75 -6.68 5.85
N GLU A 40 14.63 -6.78 5.10
CA GLU A 40 13.31 -6.63 5.70
C GLU A 40 12.98 -7.78 6.68
N THR A 41 13.44 -9.00 6.38
CA THR A 41 13.27 -10.17 7.26
C THR A 41 14.00 -9.91 8.60
N ILE A 42 15.27 -9.48 8.54
CA ILE A 42 16.09 -9.16 9.71
C ILE A 42 15.37 -8.06 10.53
N ARG A 43 14.89 -7.01 9.86
CA ARG A 43 14.19 -5.92 10.54
C ARG A 43 12.91 -6.39 11.23
N TRP A 44 12.13 -7.26 10.57
CA TRP A 44 10.90 -7.80 11.16
C TRP A 44 11.20 -8.65 12.39
N VAL A 45 12.21 -9.53 12.30
CA VAL A 45 12.61 -10.37 13.44
C VAL A 45 13.07 -9.48 14.65
N CYS A 46 13.82 -8.40 14.38
CA CYS A 46 14.28 -7.46 15.41
C CYS A 46 13.14 -6.74 16.08
N GLU A 47 12.09 -6.44 15.31
CA GLU A 47 10.92 -5.74 15.81
C GLU A 47 10.12 -6.52 16.83
N GLU A 48 9.92 -7.80 16.59
CA GLU A 48 9.05 -8.53 17.48
C GLU A 48 9.80 -9.36 18.52
N ILE A 49 11.15 -9.22 18.57
CA ILE A 49 12.02 -9.82 19.57
C ILE A 49 12.92 -8.66 20.08
N PRO A 50 12.43 -7.86 21.06
CA PRO A 50 13.21 -6.72 21.56
C PRO A 50 14.63 -7.04 22.04
N ASP A 51 14.84 -8.20 22.71
CA ASP A 51 16.20 -8.61 23.16
C ASP A 51 17.17 -8.68 21.97
N LEU A 52 16.66 -9.13 20.82
CA LEU A 52 17.42 -9.22 19.58
C LEU A 52 17.85 -7.85 19.10
N LYS A 53 16.91 -6.87 19.13
CA LYS A 53 17.12 -5.47 18.74
C LYS A 53 18.22 -4.88 19.60
N LEU A 54 18.20 -5.21 20.91
CA LEU A 54 19.21 -4.80 21.89
C LEU A 54 20.59 -5.40 21.61
N ALA A 55 20.68 -6.73 21.37
CA ALA A 55 21.95 -7.43 21.11
C ALA A 55 22.56 -7.11 19.75
N MET A 56 21.69 -6.92 18.73
CA MET A 56 22.06 -6.61 17.35
C MET A 56 22.82 -5.29 17.25
N GLU A 57 23.98 -5.31 16.59
CA GLU A 57 24.78 -4.10 16.37
C GLU A 57 24.00 -3.32 15.32
N ASN A 58 23.19 -2.34 15.76
CA ASN A 58 22.24 -1.51 14.97
C ASN A 58 22.81 -0.78 13.75
N TYR A 59 24.13 -0.46 13.72
CA TYR A 59 24.78 0.25 12.60
C TYR A 59 24.76 -0.53 11.27
N VAL A 60 24.75 -1.88 11.39
CA VAL A 60 24.77 -2.88 10.31
C VAL A 60 23.51 -2.79 9.41
N LEU A 61 22.42 -2.23 9.93
CA LEU A 61 21.19 -2.02 9.18
C LEU A 61 21.20 -0.67 8.40
N ILE A 62 22.25 0.16 8.58
CA ILE A 62 22.48 1.44 7.90
C ILE A 62 23.60 1.22 6.86
N ASP A 63 24.75 0.68 7.31
CA ASP A 63 25.89 0.47 6.43
C ASP A 63 25.95 -0.93 5.81
N TYR A 64 25.28 -1.09 4.66
CA TYR A 64 25.25 -2.31 3.83
C TYR A 64 25.26 -1.96 2.34
N ASP A 65 25.79 -2.88 1.50
CA ASP A 65 25.82 -2.73 0.05
C ASP A 65 25.23 -4.01 -0.53
N THR A 66 24.02 -3.92 -1.10
CA THR A 66 23.30 -5.05 -1.67
C THR A 66 24.01 -5.70 -2.87
N LYS A 67 24.97 -4.98 -3.48
CA LYS A 67 25.72 -5.48 -4.62
C LYS A 67 27.06 -6.04 -4.19
N SER A 68 27.29 -6.19 -2.89
CA SER A 68 28.55 -6.71 -2.38
C SER A 68 28.31 -7.97 -1.58
N PHE A 69 28.88 -9.10 -2.03
CA PHE A 69 28.73 -10.39 -1.32
C PHE A 69 29.25 -10.29 0.11
N GLU A 70 30.44 -9.68 0.30
CA GLU A 70 31.07 -9.49 1.60
C GLU A 70 30.22 -8.63 2.53
N SER A 71 29.63 -7.53 2.02
CA SER A 71 28.79 -6.65 2.83
C SER A 71 27.48 -7.35 3.27
N MET A 72 26.85 -8.08 2.35
CA MET A 72 25.64 -8.85 2.65
C MET A 72 25.92 -10.01 3.60
N GLN A 73 27.09 -10.63 3.46
CA GLN A 73 27.53 -11.71 4.34
C GLN A 73 27.74 -11.17 5.77
N ARG A 74 28.33 -9.97 5.91
CA ARG A 74 28.57 -9.31 7.20
C ARG A 74 27.24 -9.01 7.87
N LEU A 75 26.26 -8.49 7.10
CA LEU A 75 24.93 -8.19 7.60
C LEU A 75 24.26 -9.45 8.17
N CYS A 76 24.29 -10.57 7.42
CA CYS A 76 23.70 -11.85 7.83
C CYS A 76 24.41 -12.40 9.05
N ASP A 77 25.75 -12.28 9.08
CA ASP A 77 26.58 -12.73 10.19
C ASP A 77 26.26 -11.98 11.50
N LYS A 78 26.09 -10.64 11.45
CA LYS A 78 25.73 -9.82 12.62
C LYS A 78 24.37 -10.25 13.17
N TYR A 79 23.40 -10.49 12.27
CA TYR A 79 22.08 -10.97 12.67
C TYR A 79 22.20 -12.37 13.29
N ASN A 80 22.93 -13.29 12.64
CA ASN A 80 23.10 -14.66 13.12
C ASN A 80 23.79 -14.73 14.49
N ARG A 81 24.77 -13.84 14.75
CA ARG A 81 25.49 -13.78 16.05
C ARG A 81 24.53 -13.29 17.14
N ALA A 82 23.71 -12.28 16.80
CA ALA A 82 22.71 -11.72 17.70
C ALA A 82 21.66 -12.82 18.05
N ILE A 83 21.21 -13.63 17.05
CA ILE A 83 20.29 -14.77 17.25
C ILE A 83 20.93 -15.76 18.24
N ASP A 84 22.22 -16.08 18.02
CA ASP A 84 22.97 -16.98 18.89
C ASP A 84 23.02 -16.44 20.31
N SER A 85 23.27 -15.12 20.51
CA SER A 85 23.34 -14.53 21.86
C SER A 85 21.99 -14.64 22.58
N ILE A 86 20.92 -14.40 21.85
CA ILE A 86 19.56 -14.46 22.37
C ILE A 86 19.19 -15.89 22.76
N HIS A 87 19.58 -16.87 21.94
CA HIS A 87 19.37 -18.29 22.23
C HIS A 87 20.14 -18.71 23.48
N GLN A 88 21.31 -18.10 23.75
CA GLN A 88 22.10 -18.40 24.96
C GLN A 88 21.39 -17.83 26.20
N LEU A 89 20.81 -16.61 26.08
CA LEU A 89 20.04 -15.94 27.13
C LEU A 89 18.80 -16.76 27.53
N TRP A 90 18.10 -17.30 26.52
CA TRP A 90 16.90 -18.11 26.64
C TRP A 90 17.19 -19.51 27.21
N LYS A 91 18.43 -20.01 26.99
CA LYS A 91 18.95 -21.29 27.51
C LYS A 91 19.11 -21.13 29.02
N GLY A 92 19.60 -19.97 29.46
CA GLY A 92 19.70 -19.60 30.86
C GLY A 92 18.36 -19.12 31.41
N THR A 93 17.33 -20.03 31.37
CA THR A 93 15.93 -19.86 31.80
C THR A 93 15.17 -18.85 30.92
N ASN A 100 3.92 -20.48 19.84
CA ASN A 100 3.45 -20.22 18.49
C ASN A 100 2.16 -19.38 18.46
N THR A 101 2.35 -18.07 18.26
CA THR A 101 1.26 -17.10 18.19
C THR A 101 0.95 -16.81 16.70
N ARG A 102 -0.11 -16.05 16.44
CA ARG A 102 -0.45 -15.70 15.06
C ARG A 102 0.45 -14.53 14.63
N PRO A 103 0.80 -14.42 13.34
CA PRO A 103 1.64 -13.27 12.94
C PRO A 103 0.89 -11.95 13.04
N SER A 104 1.61 -10.85 13.30
CA SER A 104 0.99 -9.53 13.27
C SER A 104 0.57 -9.25 11.81
N THR A 105 -0.30 -8.28 11.57
CA THR A 105 -0.71 -7.92 10.22
C THR A 105 0.52 -7.52 9.35
N GLY A 106 1.40 -6.69 9.91
CA GLY A 106 2.62 -6.28 9.23
C GLY A 106 3.53 -7.45 8.87
N LEU A 107 3.78 -8.36 9.82
CA LEU A 107 4.62 -9.52 9.52
C LEU A 107 3.96 -10.41 8.47
N LEU A 108 2.63 -10.62 8.59
CA LEU A 108 1.90 -11.45 7.62
C LEU A 108 2.02 -10.87 6.19
N ARG A 109 1.91 -9.55 6.02
CA ARG A 109 2.07 -8.94 4.68
C ARG A 109 3.47 -9.30 4.12
N HIS A 110 4.50 -9.21 4.96
CA HIS A 110 5.88 -9.55 4.61
C HIS A 110 5.98 -11.04 4.25
N ILE A 111 5.41 -11.94 5.09
CA ILE A 111 5.47 -13.39 4.86
C ILE A 111 4.80 -13.76 3.53
N LEU A 112 3.61 -13.23 3.26
CA LEU A 112 2.91 -13.57 2.02
C LEU A 112 3.68 -13.11 0.77
N GLN A 113 4.28 -11.92 0.83
CA GLN A 113 5.12 -11.40 -0.28
C GLN A 113 6.32 -12.33 -0.50
N GLN A 114 6.97 -12.71 0.59
CA GLN A 114 8.14 -13.60 0.62
C GLN A 114 7.78 -14.99 0.06
N VAL A 115 6.64 -15.56 0.48
CA VAL A 115 6.16 -16.85 -0.01
C VAL A 115 5.93 -16.77 -1.53
N TYR A 116 5.31 -15.67 -1.99
CA TYR A 116 5.07 -15.44 -3.41
C TYR A 116 6.39 -15.33 -4.20
N ASN A 117 7.34 -14.51 -3.73
CA ASN A 117 8.61 -14.33 -4.45
C ASN A 117 9.45 -15.61 -4.53
N HIS A 118 9.33 -16.52 -3.55
CA HIS A 118 10.04 -17.80 -3.57
C HIS A 118 9.26 -18.85 -4.38
N SER A 119 7.97 -18.61 -4.67
CA SER A 119 7.12 -19.58 -5.36
C SER A 119 6.85 -19.24 -6.82
N VAL A 120 6.46 -18.00 -7.11
CA VAL A 120 6.11 -17.56 -8.45
C VAL A 120 7.33 -16.89 -9.08
N THR A 121 8.24 -17.74 -9.55
CA THR A 121 9.53 -17.35 -10.13
C THR A 121 9.40 -16.83 -11.56
N ASP A 122 8.35 -17.24 -12.27
CA ASP A 122 8.06 -16.79 -13.64
C ASP A 122 6.62 -16.22 -13.65
N PRO A 123 6.41 -14.97 -13.13
CA PRO A 123 5.03 -14.43 -13.06
C PRO A 123 4.32 -14.20 -14.40
N GLU A 124 5.08 -14.14 -15.51
CA GLU A 124 4.56 -13.99 -16.88
C GLU A 124 3.66 -15.18 -17.27
N LYS A 125 4.00 -16.40 -16.78
CA LYS A 125 3.30 -17.66 -17.02
C LYS A 125 1.84 -17.65 -16.53
N LEU A 126 1.51 -16.78 -15.55
CA LEU A 126 0.16 -16.63 -15.01
C LEU A 126 -0.82 -16.08 -16.05
N ASN A 127 -0.31 -15.25 -16.99
CA ASN A 127 -1.06 -14.59 -18.08
C ASN A 127 -2.26 -13.80 -17.54
N ASN A 128 -2.03 -13.07 -16.42
CA ASN A 128 -3.02 -12.27 -15.69
C ASN A 128 -2.68 -10.76 -15.77
N TYR A 129 -3.53 -10.00 -16.49
CA TYR A 129 -3.38 -8.56 -16.72
C TYR A 129 -4.45 -7.75 -15.95
N GLU A 130 -5.15 -8.40 -15.02
CA GLU A 130 -6.25 -7.82 -14.25
C GLU A 130 -5.82 -7.16 -12.94
N PRO A 131 -6.62 -6.17 -12.43
CA PRO A 131 -6.39 -5.67 -11.07
C PRO A 131 -6.72 -6.84 -10.13
N PHE A 132 -6.23 -6.82 -8.88
CA PHE A 132 -6.51 -7.89 -7.89
C PHE A 132 -6.07 -9.27 -8.40
N SER A 133 -4.90 -9.31 -9.04
CA SER A 133 -4.29 -10.53 -9.56
C SER A 133 -3.10 -10.88 -8.66
N PRO A 134 -2.57 -12.15 -8.69
CA PRO A 134 -1.48 -12.53 -7.79
C PRO A 134 -0.28 -11.58 -7.71
N GLU A 135 0.14 -11.02 -8.86
CA GLU A 135 1.31 -10.14 -8.97
C GLU A 135 1.18 -8.82 -8.20
N VAL A 136 -0.07 -8.38 -7.92
CA VAL A 136 -0.32 -7.12 -7.21
C VAL A 136 -1.02 -7.35 -5.86
N TYR A 137 -0.99 -8.60 -5.32
CA TYR A 137 -1.70 -8.94 -4.07
C TYR A 137 -1.39 -7.96 -2.92
N GLY A 138 -0.14 -7.54 -2.82
CA GLY A 138 0.26 -6.60 -1.78
C GLY A 138 -0.32 -5.20 -1.89
N GLU A 139 -0.77 -4.76 -3.08
CA GLU A 139 -1.23 -3.38 -3.28
C GLU A 139 -2.57 -3.02 -2.55
N THR A 140 -3.65 -3.75 -2.86
CA THR A 140 -4.98 -3.48 -2.28
C THR A 140 -5.59 -4.78 -1.74
N SER A 141 -5.32 -5.93 -2.40
CA SER A 141 -5.93 -7.20 -2.00
C SER A 141 -5.69 -7.53 -0.53
N PHE A 142 -4.42 -7.46 -0.09
CA PHE A 142 -4.07 -7.80 1.29
C PHE A 142 -4.88 -6.92 2.24
N ASP A 143 -4.89 -5.59 2.01
CA ASP A 143 -5.60 -4.66 2.90
C ASP A 143 -7.09 -4.92 2.90
N LEU A 144 -7.67 -5.18 1.73
CA LEU A 144 -9.12 -5.42 1.63
C LEU A 144 -9.50 -6.74 2.29
N VAL A 145 -8.70 -7.79 2.06
CA VAL A 145 -8.91 -9.10 2.72
C VAL A 145 -8.81 -8.94 4.25
N ALA A 146 -7.83 -8.13 4.75
CA ALA A 146 -7.66 -7.88 6.20
C ALA A 146 -8.94 -7.21 6.78
N GLN A 147 -9.52 -6.25 6.03
CA GLN A 147 -10.76 -5.54 6.41
C GLN A 147 -11.92 -6.56 6.47
N MET A 148 -12.02 -7.42 5.43
CA MET A 148 -13.04 -8.47 5.33
C MET A 148 -12.93 -9.41 6.56
N ILE A 149 -11.71 -9.82 6.95
CA ILE A 149 -11.50 -10.70 8.11
C ILE A 149 -12.08 -10.06 9.39
N ASP A 150 -11.76 -8.78 9.61
CA ASP A 150 -12.24 -8.00 10.76
C ASP A 150 -13.74 -7.83 10.79
N GLU A 151 -14.37 -7.75 9.61
CA GLU A 151 -15.83 -7.60 9.48
C GLU A 151 -16.61 -8.91 9.65
N ILE A 152 -16.15 -10.03 9.10
CA ILE A 152 -16.88 -11.31 9.13
C ILE A 152 -16.73 -12.05 10.50
N LYS A 153 -15.60 -11.95 11.17
CA LYS A 153 -15.40 -12.54 12.53
C LYS A 153 -15.72 -14.05 12.61
N MET A 154 -15.02 -14.83 11.81
CA MET A 154 -15.15 -16.29 11.76
C MET A 154 -14.71 -16.97 13.06
N THR A 155 -15.34 -18.09 13.42
CA THR A 155 -15.02 -18.88 14.62
C THR A 155 -14.57 -20.30 14.21
N ASP A 156 -14.27 -21.17 15.21
CA ASP A 156 -13.82 -22.55 14.97
C ASP A 156 -14.92 -23.44 14.36
N ASP A 157 -16.16 -22.97 14.33
CA ASP A 157 -17.27 -23.69 13.71
C ASP A 157 -17.38 -23.37 12.22
N ASP A 158 -16.63 -22.38 11.72
CA ASP A 158 -16.73 -22.01 10.31
C ASP A 158 -15.82 -22.82 9.41
N LEU A 159 -16.25 -22.96 8.15
CA LEU A 159 -15.49 -23.59 7.08
C LEU A 159 -15.41 -22.53 6.00
N PHE A 160 -14.19 -22.14 5.63
CA PHE A 160 -13.96 -21.09 4.64
C PHE A 160 -13.51 -21.70 3.33
N VAL A 161 -14.08 -21.22 2.20
CA VAL A 161 -13.70 -21.71 0.88
C VAL A 161 -13.51 -20.51 -0.07
N ASP A 162 -12.36 -20.45 -0.75
CA ASP A 162 -12.14 -19.46 -1.82
C ASP A 162 -12.37 -20.21 -3.15
N LEU A 163 -13.41 -19.83 -3.90
CA LEU A 163 -13.78 -20.44 -5.20
C LEU A 163 -13.00 -19.73 -6.29
N GLY A 164 -11.98 -20.40 -6.84
CA GLY A 164 -11.07 -19.83 -7.85
C GLY A 164 -9.95 -19.13 -7.13
N SER A 165 -9.19 -19.92 -6.34
CA SER A 165 -8.18 -19.41 -5.41
C SER A 165 -6.84 -18.94 -6.00
N GLY A 166 -6.65 -19.05 -7.32
CA GLY A 166 -5.41 -18.63 -7.97
C GLY A 166 -4.22 -19.40 -7.42
N VAL A 167 -3.23 -18.66 -6.86
CA VAL A 167 -2.03 -19.29 -6.26
C VAL A 167 -2.22 -19.54 -4.75
N GLY A 168 -3.44 -19.25 -4.26
CA GLY A 168 -3.87 -19.47 -2.88
C GLY A 168 -3.61 -18.38 -1.86
N GLN A 169 -3.28 -17.16 -2.32
CA GLN A 169 -2.95 -16.03 -1.40
C GLN A 169 -4.04 -15.69 -0.37
N VAL A 170 -5.33 -15.68 -0.78
CA VAL A 170 -6.43 -15.36 0.13
C VAL A 170 -6.54 -16.42 1.22
N VAL A 171 -6.48 -17.70 0.82
CA VAL A 171 -6.55 -18.84 1.74
C VAL A 171 -5.44 -18.75 2.80
N LEU A 172 -4.19 -18.49 2.36
CA LEU A 172 -3.06 -18.35 3.28
C LEU A 172 -3.26 -17.18 4.25
N GLN A 173 -3.76 -16.03 3.74
CA GLN A 173 -3.97 -14.87 4.61
C GLN A 173 -5.04 -15.18 5.66
N VAL A 174 -6.16 -15.72 5.22
CA VAL A 174 -7.28 -16.04 6.10
C VAL A 174 -6.89 -17.13 7.12
N ALA A 175 -6.15 -18.16 6.67
CA ALA A 175 -5.69 -19.24 7.59
C ALA A 175 -4.71 -18.70 8.64
N ALA A 176 -3.87 -17.72 8.27
CA ALA A 176 -2.91 -17.17 9.24
C ALA A 176 -3.63 -16.27 10.25
N ALA A 177 -4.79 -15.69 9.87
CA ALA A 177 -5.53 -14.74 10.71
C ALA A 177 -6.68 -15.31 11.53
N THR A 178 -7.37 -16.37 11.05
CA THR A 178 -8.56 -16.87 11.75
C THR A 178 -8.42 -18.26 12.34
N ASN A 179 -9.43 -18.67 13.12
CA ASN A 179 -9.46 -20.00 13.71
C ASN A 179 -10.53 -20.90 13.07
N CYS A 180 -10.90 -20.66 11.77
CA CYS A 180 -11.85 -21.57 11.07
C CYS A 180 -11.36 -22.98 11.22
N LYS A 181 -12.31 -23.92 11.27
CA LYS A 181 -12.04 -25.35 11.36
C LYS A 181 -11.09 -25.75 10.20
N HIS A 182 -11.38 -25.26 8.97
CA HIS A 182 -10.57 -25.55 7.78
C HIS A 182 -10.80 -24.47 6.75
N HIS A 183 -9.76 -24.20 5.95
CA HIS A 183 -9.77 -23.20 4.87
C HIS A 183 -9.44 -23.95 3.60
N TYR A 184 -10.22 -23.74 2.55
CA TYR A 184 -9.99 -24.43 1.29
C TYR A 184 -9.86 -23.43 0.18
N GLY A 185 -8.98 -23.75 -0.75
CA GLY A 185 -8.82 -23.00 -1.98
C GLY A 185 -9.00 -23.99 -3.12
N VAL A 186 -9.88 -23.69 -4.07
CA VAL A 186 -10.08 -24.54 -5.25
C VAL A 186 -9.78 -23.73 -6.52
N GLU A 187 -8.86 -24.23 -7.33
CA GLU A 187 -8.46 -23.55 -8.56
C GLU A 187 -8.46 -24.55 -9.75
N LYS A 188 -9.05 -24.16 -10.88
CA LYS A 188 -9.17 -24.98 -12.09
C LYS A 188 -7.97 -24.84 -13.02
N ALA A 189 -7.48 -23.60 -13.25
CA ALA A 189 -6.37 -23.40 -14.19
C ALA A 189 -5.07 -24.05 -13.74
N ASP A 190 -4.41 -24.75 -14.69
CA ASP A 190 -3.18 -25.51 -14.48
C ASP A 190 -1.99 -24.73 -13.91
N ILE A 191 -1.61 -23.58 -14.51
CA ILE A 191 -0.44 -22.79 -14.06
C ILE A 191 -0.63 -22.26 -12.61
N PRO A 192 -1.73 -21.54 -12.23
CA PRO A 192 -1.85 -21.10 -10.83
C PRO A 192 -1.99 -22.24 -9.84
N ALA A 193 -2.70 -23.35 -10.20
CA ALA A 193 -2.82 -24.53 -9.33
C ALA A 193 -1.45 -25.18 -9.06
N LYS A 194 -0.56 -25.21 -10.08
CA LYS A 194 0.79 -25.75 -9.92
C LYS A 194 1.60 -24.84 -8.99
N TYR A 195 1.52 -23.49 -9.19
CA TYR A 195 2.20 -22.53 -8.33
C TYR A 195 1.68 -22.60 -6.87
N ALA A 196 0.36 -22.86 -6.70
CA ALA A 196 -0.28 -23.02 -5.38
C ALA A 196 0.37 -24.14 -4.56
N GLU A 197 0.83 -25.23 -5.22
CA GLU A 197 1.54 -26.34 -4.56
C GLU A 197 2.85 -25.84 -3.93
N THR A 198 3.59 -24.97 -4.66
CA THR A 198 4.82 -24.37 -4.12
C THR A 198 4.49 -23.36 -3.02
N MET A 199 3.45 -22.51 -3.24
CA MET A 199 2.99 -21.53 -2.24
C MET A 199 2.71 -22.21 -0.90
N ASP A 200 2.02 -23.36 -0.96
CA ASP A 200 1.67 -24.18 0.19
C ASP A 200 2.91 -24.62 0.99
N ARG A 201 3.91 -25.24 0.30
CA ARG A 201 5.18 -25.66 0.89
C ARG A 201 5.95 -24.47 1.48
N GLU A 202 6.12 -23.39 0.69
CA GLU A 202 6.84 -22.18 1.10
C GLU A 202 6.20 -21.50 2.30
N PHE A 203 4.85 -21.44 2.35
CA PHE A 203 4.13 -20.83 3.48
C PHE A 203 4.36 -21.63 4.76
N ARG A 204 4.20 -22.97 4.72
CA ARG A 204 4.41 -23.82 5.89
C ARG A 204 5.85 -23.70 6.41
N LYS A 205 6.83 -23.68 5.48
CA LYS A 205 8.26 -23.53 5.79
C LYS A 205 8.56 -22.17 6.47
N TRP A 206 8.15 -21.06 5.84
CA TRP A 206 8.40 -19.73 6.39
C TRP A 206 7.67 -19.48 7.70
N MET A 207 6.41 -19.95 7.83
CA MET A 207 5.68 -19.78 9.09
C MET A 207 6.41 -20.52 10.21
N LYS A 208 6.96 -21.71 9.93
CA LYS A 208 7.78 -22.45 10.88
C LYS A 208 9.07 -21.68 11.19
N TRP A 209 9.70 -21.05 10.17
CA TRP A 209 10.95 -20.28 10.38
C TRP A 209 10.73 -19.12 11.36
N TYR A 210 9.62 -18.38 11.22
CA TYR A 210 9.27 -17.25 12.10
C TYR A 210 8.69 -17.72 13.43
N GLY A 211 8.22 -18.98 13.48
CA GLY A 211 7.61 -19.57 14.66
C GLY A 211 6.17 -19.12 14.84
N LYS A 212 5.45 -18.96 13.71
CA LYS A 212 4.07 -18.47 13.70
C LYS A 212 3.07 -19.55 13.40
N LYS A 213 1.92 -19.47 14.07
CA LYS A 213 0.81 -20.42 13.96
C LYS A 213 -0.16 -20.01 12.85
N HIS A 214 -0.81 -21.01 12.23
CA HIS A 214 -1.86 -20.79 11.23
C HIS A 214 -2.89 -21.91 11.39
N ALA A 215 -4.09 -21.67 10.94
CA ALA A 215 -5.17 -22.65 10.95
C ALA A 215 -4.90 -23.66 9.83
N GLU A 216 -5.61 -24.79 9.84
CA GLU A 216 -5.46 -25.81 8.81
C GLU A 216 -6.05 -25.31 7.51
N TYR A 217 -5.39 -25.66 6.40
CA TYR A 217 -5.87 -25.25 5.09
C TYR A 217 -5.49 -26.29 4.03
N THR A 218 -6.20 -26.28 2.92
CA THR A 218 -5.91 -27.15 1.78
C THR A 218 -6.07 -26.34 0.51
N LEU A 219 -5.08 -26.42 -0.37
CA LEU A 219 -5.13 -25.80 -1.69
C LEU A 219 -5.30 -26.98 -2.64
N GLU A 220 -6.38 -26.98 -3.42
CA GLU A 220 -6.56 -28.11 -4.34
C GLU A 220 -6.91 -27.67 -5.74
N ARG A 221 -6.60 -28.53 -6.71
CA ARG A 221 -6.94 -28.30 -8.10
C ARG A 221 -8.32 -28.92 -8.29
N GLY A 222 -9.20 -28.22 -8.99
CA GLY A 222 -10.55 -28.70 -9.24
C GLY A 222 -11.43 -27.66 -9.89
N ASP A 223 -12.64 -28.06 -10.26
CA ASP A 223 -13.65 -27.22 -10.89
C ASP A 223 -14.76 -27.03 -9.85
N PHE A 224 -14.95 -25.77 -9.35
CA PHE A 224 -15.95 -25.50 -8.32
C PHE A 224 -17.41 -25.67 -8.83
N LEU A 225 -17.59 -25.88 -10.16
CA LEU A 225 -18.91 -26.12 -10.77
C LEU A 225 -19.22 -27.63 -10.96
N SER A 226 -18.28 -28.50 -10.56
CA SER A 226 -18.45 -29.97 -10.66
C SER A 226 -19.48 -30.49 -9.66
N GLU A 227 -19.91 -31.74 -9.84
CA GLU A 227 -20.89 -32.44 -9.00
C GLU A 227 -20.41 -32.60 -7.56
N GLU A 228 -19.14 -32.96 -7.39
CA GLU A 228 -18.46 -33.14 -6.10
C GLU A 228 -18.50 -31.82 -5.31
N TRP A 229 -18.30 -30.67 -6.00
CA TRP A 229 -18.29 -29.36 -5.37
C TRP A 229 -19.69 -28.81 -5.01
N ARG A 230 -20.79 -29.42 -5.53
CA ARG A 230 -22.15 -29.01 -5.20
C ARG A 230 -22.44 -29.16 -3.71
N GLU A 231 -22.17 -30.35 -3.14
CA GLU A 231 -22.39 -30.61 -1.73
C GLU A 231 -21.37 -29.88 -0.86
N ARG A 232 -20.15 -29.71 -1.36
CA ARG A 232 -19.07 -28.99 -0.65
C ARG A 232 -19.42 -27.52 -0.48
N ILE A 233 -19.98 -26.87 -1.51
CA ILE A 233 -20.45 -25.47 -1.40
C ILE A 233 -21.64 -25.43 -0.41
N ALA A 234 -22.59 -26.38 -0.51
CA ALA A 234 -23.76 -26.46 0.38
C ALA A 234 -23.37 -26.53 1.86
N ASN A 235 -22.22 -27.18 2.18
CA ASN A 235 -21.73 -27.34 3.54
C ASN A 235 -20.73 -26.26 3.98
N THR A 236 -20.47 -25.25 3.16
CA THR A 236 -19.50 -24.17 3.48
C THR A 236 -20.22 -23.04 4.20
N SER A 237 -19.63 -22.50 5.29
CA SER A 237 -20.28 -21.39 6.00
C SER A 237 -19.86 -20.02 5.50
N VAL A 238 -18.62 -19.91 4.94
CA VAL A 238 -18.10 -18.67 4.36
C VAL A 238 -17.47 -18.95 3.00
N ILE A 239 -18.09 -18.42 1.95
CA ILE A 239 -17.56 -18.54 0.59
C ILE A 239 -16.91 -17.17 0.27
N PHE A 240 -15.71 -17.20 -0.31
CA PHE A 240 -15.05 -16.01 -0.83
C PHE A 240 -14.98 -16.24 -2.32
N VAL A 241 -15.38 -15.25 -3.12
CA VAL A 241 -15.31 -15.45 -4.55
C VAL A 241 -15.05 -14.13 -5.27
N ASN A 242 -13.96 -14.05 -6.01
CA ASN A 242 -13.66 -12.85 -6.79
C ASN A 242 -14.36 -13.08 -8.16
N ASN A 243 -15.66 -12.76 -8.22
CA ASN A 243 -16.50 -13.03 -9.40
C ASN A 243 -16.64 -11.83 -10.36
N PHE A 244 -15.95 -10.74 -10.08
CA PHE A 244 -15.99 -9.51 -10.87
C PHE A 244 -16.00 -9.74 -12.40
N ALA A 245 -15.10 -10.61 -12.93
CA ALA A 245 -14.98 -10.87 -14.37
C ALA A 245 -15.68 -12.15 -14.86
N PHE A 246 -16.49 -12.81 -14.00
CA PHE A 246 -17.18 -14.04 -14.40
C PHE A 246 -18.29 -13.79 -15.43
N GLY A 247 -18.43 -14.73 -16.36
CA GLY A 247 -19.49 -14.72 -17.37
C GLY A 247 -20.88 -14.94 -16.78
N PRO A 248 -21.97 -14.74 -17.57
CA PRO A 248 -23.32 -14.95 -17.02
C PRO A 248 -23.64 -16.41 -16.71
N GLU A 249 -23.02 -17.35 -17.44
CA GLU A 249 -23.25 -18.78 -17.23
C GLU A 249 -22.66 -19.26 -15.90
N VAL A 250 -21.43 -18.83 -15.59
CA VAL A 250 -20.75 -19.16 -14.33
C VAL A 250 -21.52 -18.52 -13.17
N ASP A 251 -21.92 -17.25 -13.31
CA ASP A 251 -22.71 -16.52 -12.33
C ASP A 251 -24.03 -17.23 -12.03
N HIS A 252 -24.74 -17.67 -13.11
CA HIS A 252 -25.99 -18.41 -13.05
C HIS A 252 -25.77 -19.74 -12.31
N GLN A 253 -24.71 -20.50 -12.70
CA GLN A 253 -24.39 -21.78 -12.08
C GLN A 253 -24.04 -21.62 -10.60
N LEU A 254 -23.33 -20.53 -10.24
CA LEU A 254 -22.97 -20.24 -8.84
C LEU A 254 -24.19 -19.96 -7.99
N LYS A 255 -25.15 -19.17 -8.49
CA LYS A 255 -26.40 -18.88 -7.74
C LYS A 255 -27.15 -20.19 -7.42
N GLU A 256 -27.13 -21.16 -8.36
CA GLU A 256 -27.76 -22.48 -8.18
C GLU A 256 -27.05 -23.25 -7.06
N ARG A 257 -25.71 -23.16 -6.99
CA ARG A 257 -24.91 -23.77 -5.91
C ARG A 257 -25.21 -23.12 -4.58
N PHE A 258 -25.28 -21.77 -4.56
CA PHE A 258 -25.55 -21.01 -3.32
C PHE A 258 -26.94 -21.29 -2.75
N ALA A 259 -27.92 -21.58 -3.62
CA ALA A 259 -29.31 -21.88 -3.24
C ALA A 259 -29.43 -23.15 -2.36
N ASN A 260 -28.37 -23.96 -2.26
CA ASN A 260 -28.31 -25.15 -1.39
C ASN A 260 -27.59 -24.88 -0.07
N MET A 261 -27.08 -23.65 0.15
CA MET A 261 -26.40 -23.34 1.40
C MET A 261 -27.37 -23.25 2.61
N LYS A 262 -26.80 -23.38 3.82
CA LYS A 262 -27.57 -23.38 5.07
C LYS A 262 -27.93 -21.95 5.47
N GLU A 263 -28.96 -21.79 6.34
CA GLU A 263 -29.32 -20.46 6.89
C GLU A 263 -28.09 -19.86 7.56
N GLY A 264 -27.87 -18.56 7.31
CA GLY A 264 -26.73 -17.87 7.90
C GLY A 264 -25.42 -18.07 7.19
N GLY A 265 -25.40 -18.91 6.12
CA GLY A 265 -24.23 -19.11 5.28
C GLY A 265 -23.89 -17.77 4.62
N ARG A 266 -22.59 -17.47 4.44
CA ARG A 266 -22.18 -16.16 3.93
C ARG A 266 -21.31 -16.26 2.68
N ILE A 267 -21.46 -15.28 1.81
CA ILE A 267 -20.69 -15.17 0.57
C ILE A 267 -20.13 -13.75 0.51
N VAL A 268 -18.81 -13.64 0.38
CA VAL A 268 -18.11 -12.36 0.20
C VAL A 268 -17.59 -12.31 -1.21
N SER A 269 -18.02 -11.28 -1.97
CA SER A 269 -17.67 -11.23 -3.39
C SER A 269 -17.36 -9.82 -3.88
N SER A 270 -16.85 -9.73 -5.11
CA SER A 270 -16.48 -8.44 -5.75
C SER A 270 -17.60 -7.87 -6.63
N LYS A 271 -18.65 -8.66 -6.87
CA LYS A 271 -19.83 -8.22 -7.62
C LYS A 271 -21.05 -8.89 -6.96
N PRO A 272 -22.13 -8.14 -6.62
CA PRO A 272 -23.26 -8.77 -5.91
C PRO A 272 -23.99 -9.83 -6.75
N PHE A 273 -24.47 -10.89 -6.08
CA PHE A 273 -25.21 -11.98 -6.72
C PHE A 273 -26.70 -11.67 -6.80
N ALA A 274 -27.15 -10.66 -6.06
CA ALA A 274 -28.55 -10.23 -6.08
C ALA A 274 -28.56 -8.71 -5.97
N PRO A 275 -29.60 -7.99 -6.47
CA PRO A 275 -29.58 -6.52 -6.34
C PRO A 275 -29.61 -6.08 -4.89
N LEU A 276 -28.96 -4.97 -4.59
CA LEU A 276 -28.89 -4.41 -3.25
C LEU A 276 -30.26 -3.94 -2.73
N ASN A 277 -31.15 -3.57 -3.64
CA ASN A 277 -32.49 -3.08 -3.33
C ASN A 277 -33.56 -4.11 -3.74
N PHE A 278 -33.24 -5.43 -3.73
CA PHE A 278 -34.21 -6.48 -4.11
C PHE A 278 -35.51 -6.37 -3.34
N ARG A 279 -36.61 -6.40 -4.08
CA ARG A 279 -37.97 -6.33 -3.55
C ARG A 279 -38.75 -7.53 -4.07
N ILE A 280 -39.03 -8.48 -3.18
CA ILE A 280 -39.76 -9.70 -3.52
C ILE A 280 -41.19 -9.39 -4.00
N ASN A 281 -41.59 -9.99 -5.12
CA ASN A 281 -42.94 -9.86 -5.68
C ASN A 281 -43.32 -11.17 -6.41
N SER A 282 -44.53 -11.24 -6.98
CA SER A 282 -44.99 -12.43 -7.68
C SER A 282 -44.21 -12.78 -8.97
N ARG A 283 -43.46 -11.83 -9.52
CA ARG A 283 -42.73 -12.01 -10.79
C ARG A 283 -41.25 -12.38 -10.65
N ASN A 284 -40.68 -12.25 -9.43
CA ASN A 284 -39.26 -12.57 -9.22
C ASN A 284 -39.00 -13.64 -8.15
N LEU A 285 -39.98 -14.57 -7.94
CA LEU A 285 -39.87 -15.63 -6.92
C LEU A 285 -38.78 -16.66 -7.16
N SER A 286 -38.21 -16.63 -8.36
CA SER A 286 -37.12 -17.47 -8.83
C SER A 286 -35.77 -16.90 -8.50
N ASP A 287 -35.70 -15.60 -8.29
CA ASP A 287 -34.45 -14.92 -8.10
C ASP A 287 -33.77 -15.30 -6.77
N ILE A 288 -32.45 -15.36 -6.78
CA ILE A 288 -31.65 -15.69 -5.58
C ILE A 288 -31.87 -14.66 -4.45
N GLY A 289 -32.30 -13.44 -4.82
CA GLY A 289 -32.61 -12.38 -3.85
C GLY A 289 -33.73 -12.72 -2.89
N THR A 290 -34.53 -13.75 -3.21
CA THR A 290 -35.61 -14.22 -2.33
C THR A 290 -35.06 -14.97 -1.10
N ILE A 291 -33.79 -15.41 -1.15
CA ILE A 291 -33.23 -16.22 -0.06
C ILE A 291 -31.92 -15.68 0.47
N MET A 292 -31.57 -14.46 0.12
CA MET A 292 -30.31 -13.92 0.67
C MET A 292 -30.35 -12.43 0.83
N ARG A 293 -29.82 -11.97 1.96
CA ARG A 293 -29.60 -10.55 2.24
C ARG A 293 -28.29 -10.19 1.50
N VAL A 294 -28.15 -8.93 1.06
CA VAL A 294 -26.93 -8.45 0.38
C VAL A 294 -26.65 -7.04 0.87
N VAL A 295 -25.41 -6.77 1.27
CA VAL A 295 -24.98 -5.44 1.72
C VAL A 295 -23.63 -5.11 1.05
N GLU A 296 -23.45 -3.83 0.70
CA GLU A 296 -22.19 -3.37 0.13
C GLU A 296 -21.35 -2.89 1.29
N LEU A 297 -20.11 -3.38 1.39
CA LEU A 297 -19.22 -2.99 2.45
C LEU A 297 -18.05 -2.21 1.86
N SER A 298 -17.76 -1.06 2.41
CA SER A 298 -16.67 -0.24 1.91
C SER A 298 -15.82 0.23 3.07
N PRO A 299 -14.51 -0.04 3.03
CA PRO A 299 -13.63 0.46 4.09
C PRO A 299 -13.63 2.00 4.20
N LEU A 300 -13.96 2.71 3.12
CA LEU A 300 -14.08 4.17 3.18
C LEU A 300 -15.22 4.65 4.10
N LYS A 301 -16.23 3.78 4.36
CA LYS A 301 -17.36 4.08 5.24
C LYS A 301 -17.14 3.58 6.67
N SER A 305 -9.68 3.93 9.36
CA SER A 305 -8.75 4.89 8.75
C SER A 305 -8.17 4.38 7.40
N TRP A 306 -9.05 4.07 6.44
CA TRP A 306 -8.68 3.60 5.10
C TRP A 306 -8.30 4.78 4.22
N THR A 307 -7.08 4.75 3.66
CA THR A 307 -6.63 5.80 2.73
C THR A 307 -6.20 5.19 1.37
N GLY A 308 -6.53 3.92 1.13
CA GLY A 308 -6.20 3.26 -0.11
C GLY A 308 -7.23 3.53 -1.21
N LYS A 309 -7.29 2.63 -2.20
CA LYS A 309 -8.24 2.76 -3.33
C LYS A 309 -9.71 2.74 -2.88
N PRO A 310 -10.59 3.46 -3.60
CA PRO A 310 -12.01 3.48 -3.21
C PRO A 310 -12.70 2.18 -3.68
N VAL A 311 -12.50 1.11 -2.94
CA VAL A 311 -13.01 -0.21 -3.31
C VAL A 311 -14.17 -0.62 -2.42
N SER A 312 -14.92 -1.63 -2.85
CA SER A 312 -16.07 -2.18 -2.14
C SER A 312 -16.09 -3.69 -2.32
N TYR A 313 -16.76 -4.39 -1.41
CA TYR A 313 -17.06 -5.82 -1.53
C TYR A 313 -18.48 -6.04 -1.09
N TYR A 314 -19.01 -7.23 -1.39
CA TYR A 314 -20.43 -7.51 -1.15
C TYR A 314 -20.59 -8.69 -0.25
N LEU A 315 -21.34 -8.50 0.83
CA LEU A 315 -21.61 -9.57 1.79
C LEU A 315 -23.03 -10.07 1.60
N HIS A 316 -23.17 -11.36 1.31
CA HIS A 316 -24.45 -12.07 1.13
C HIS A 316 -24.67 -13.02 2.31
N THR A 317 -25.88 -13.02 2.88
CA THR A 317 -26.18 -13.92 4.01
C THR A 317 -27.45 -14.69 3.66
N ILE A 318 -27.34 -16.02 3.63
CA ILE A 318 -28.50 -16.89 3.35
C ILE A 318 -29.55 -16.66 4.42
N ASP A 319 -30.73 -16.27 3.96
CA ASP A 319 -31.84 -16.00 4.87
C ASP A 319 -33.17 -16.32 4.17
N ARG A 320 -33.68 -17.55 4.36
CA ARG A 320 -34.93 -17.99 3.73
C ARG A 320 -36.17 -17.36 4.34
N THR A 321 -36.04 -16.59 5.44
CA THR A 321 -37.22 -15.91 6.01
C THR A 321 -37.70 -14.81 5.06
N ILE A 322 -36.85 -14.31 4.14
CA ILE A 322 -37.27 -13.33 3.13
C ILE A 322 -38.44 -13.94 2.33
N LEU A 323 -38.23 -15.19 1.85
CA LEU A 323 -39.23 -15.92 1.11
C LEU A 323 -40.40 -16.31 2.00
N GLU A 324 -40.13 -16.81 3.22
CA GLU A 324 -41.20 -17.20 4.14
C GLU A 324 -42.15 -16.02 4.47
N ASN A 325 -41.59 -14.81 4.70
CA ASN A 325 -42.37 -13.60 5.03
C ASN A 325 -43.27 -13.21 3.86
N TYR A 326 -42.79 -13.35 2.61
CA TYR A 326 -43.63 -13.08 1.45
C TYR A 326 -44.85 -13.99 1.45
N PHE A 327 -44.66 -15.32 1.67
CA PHE A 327 -45.75 -16.28 1.69
C PHE A 327 -46.70 -16.04 2.87
N SER A 328 -46.17 -15.76 4.08
CA SER A 328 -47.02 -15.49 5.25
C SER A 328 -47.82 -14.19 5.07
N SER A 329 -47.25 -13.18 4.36
CA SER A 329 -47.95 -11.93 4.05
C SER A 329 -49.10 -12.14 3.05
N LEU A 330 -48.97 -13.11 2.12
CA LEU A 330 -50.04 -13.45 1.17
C LEU A 330 -51.20 -14.17 1.87
N LYS A 331 -50.87 -15.02 2.87
CA LYS A 331 -51.80 -15.83 3.65
C LYS A 331 -52.40 -15.07 4.84
N ASN A 332 -51.80 -13.93 5.22
CA ASN A 332 -52.27 -13.07 6.31
C ASN A 332 -52.40 -11.63 5.77
N PRO A 333 -53.39 -11.33 4.89
CA PRO A 333 -53.47 -9.95 4.35
C PRO A 333 -54.12 -8.97 5.34
N LYS B 5 -14.88 13.21 -30.40
CA LYS B 5 -15.72 12.03 -30.64
C LYS B 5 -15.17 10.78 -29.93
N LEU B 6 -13.96 10.29 -30.31
CA LEU B 6 -13.37 9.14 -29.62
C LEU B 6 -12.75 9.55 -28.31
N GLU B 7 -13.61 9.86 -27.33
CA GLU B 7 -13.11 10.32 -26.03
C GLU B 7 -14.16 10.14 -24.93
N LEU B 8 -13.71 10.28 -23.70
CA LEU B 8 -14.55 10.24 -22.51
C LEU B 8 -14.29 11.52 -21.76
N ARG B 9 -15.34 12.12 -21.21
CA ARG B 9 -15.20 13.37 -20.44
C ARG B 9 -15.81 13.26 -19.06
N LEU B 10 -15.10 13.82 -18.06
CA LEU B 10 -15.55 13.91 -16.67
C LEU B 10 -15.64 15.38 -16.29
N LYS B 11 -16.84 15.82 -15.94
CA LYS B 11 -17.05 17.22 -15.50
C LYS B 11 -16.47 17.40 -14.10
N SER B 12 -15.86 18.56 -13.89
CA SER B 12 -15.27 18.89 -12.59
C SER B 12 -16.41 19.15 -11.57
N PRO B 13 -16.27 18.66 -10.31
CA PRO B 13 -17.29 18.98 -9.28
C PRO B 13 -17.35 20.47 -8.90
N VAL B 14 -16.33 21.26 -9.25
CA VAL B 14 -16.31 22.70 -8.94
C VAL B 14 -16.38 23.58 -10.18
N GLY B 15 -16.73 23.01 -11.32
CA GLY B 15 -16.90 23.81 -12.53
C GLY B 15 -15.62 24.18 -13.27
N ALA B 16 -14.49 23.50 -12.98
CA ALA B 16 -13.25 23.71 -13.73
C ALA B 16 -13.48 23.02 -15.11
N GLU B 17 -12.52 23.17 -16.05
CA GLU B 17 -12.60 22.55 -17.39
C GLU B 17 -12.70 21.01 -17.23
N PRO B 18 -13.49 20.30 -18.05
CA PRO B 18 -13.62 18.85 -17.85
C PRO B 18 -12.33 18.09 -18.09
N ALA B 19 -12.21 16.89 -17.50
CA ALA B 19 -11.06 16.03 -17.71
C ALA B 19 -11.42 15.26 -19.00
N VAL B 20 -10.54 15.27 -19.99
CA VAL B 20 -10.82 14.65 -21.30
C VAL B 20 -9.81 13.50 -21.55
N TYR B 21 -10.33 12.31 -21.85
CA TYR B 21 -9.47 11.15 -22.10
C TYR B 21 -9.75 10.65 -23.51
N PRO B 22 -8.73 10.34 -24.33
CA PRO B 22 -9.04 9.75 -25.64
C PRO B 22 -9.42 8.26 -25.49
N TRP B 23 -10.15 7.72 -26.48
CA TRP B 23 -10.45 6.30 -26.55
C TRP B 23 -9.70 5.77 -27.79
N PRO B 24 -9.04 4.59 -27.76
CA PRO B 24 -8.86 3.68 -26.62
C PRO B 24 -8.12 4.36 -25.48
N LEU B 25 -8.46 4.01 -24.28
CA LEU B 25 -7.86 4.60 -23.10
C LEU B 25 -6.39 4.20 -22.88
N PRO B 26 -5.52 5.17 -22.48
CA PRO B 26 -4.11 4.83 -22.18
C PRO B 26 -3.93 3.75 -21.10
N VAL B 27 -2.86 2.97 -21.24
CA VAL B 27 -2.46 1.93 -20.30
C VAL B 27 -1.21 2.46 -19.56
N TYR B 28 -1.12 2.24 -18.22
CA TYR B 28 0.00 2.70 -17.38
C TYR B 28 1.03 1.60 -17.09
N ASP B 29 0.56 0.36 -16.78
CA ASP B 29 1.38 -0.85 -16.56
C ASP B 29 0.50 -2.08 -16.79
N LYS B 30 1.07 -3.28 -16.59
CA LYS B 30 0.44 -4.58 -16.80
C LYS B 30 -0.94 -4.77 -16.10
N HIS B 31 -1.15 -4.12 -14.94
CA HIS B 31 -2.38 -4.26 -14.13
C HIS B 31 -3.10 -2.94 -13.83
N HIS B 32 -2.63 -1.81 -14.41
CA HIS B 32 -3.19 -0.46 -14.19
C HIS B 32 -3.41 0.32 -15.49
N ASP B 33 -4.53 1.12 -15.58
CA ASP B 33 -4.86 1.90 -16.78
C ASP B 33 -5.77 3.14 -16.51
N ALA B 34 -6.03 3.97 -17.56
CA ALA B 34 -6.88 5.16 -17.44
C ALA B 34 -8.36 4.81 -17.15
N ALA B 35 -8.82 3.59 -17.50
CA ALA B 35 -10.22 3.18 -17.23
C ALA B 35 -10.41 3.10 -15.72
N HIS B 36 -9.44 2.52 -15.01
CA HIS B 36 -9.47 2.39 -13.57
C HIS B 36 -9.31 3.74 -12.90
N GLU B 37 -8.51 4.60 -13.49
CA GLU B 37 -8.35 5.95 -12.99
C GLU B 37 -9.71 6.71 -13.07
N ILE B 38 -10.46 6.54 -14.16
CA ILE B 38 -11.78 7.19 -14.33
C ILE B 38 -12.74 6.69 -13.26
N ILE B 39 -12.85 5.38 -13.08
CA ILE B 39 -13.77 4.78 -12.10
C ILE B 39 -13.39 5.26 -10.70
N GLU B 40 -12.07 5.23 -10.38
CA GLU B 40 -11.62 5.64 -9.04
C GLU B 40 -11.86 7.15 -8.80
N THR B 41 -11.70 7.98 -9.84
CA THR B 41 -11.97 9.43 -9.75
C THR B 41 -13.45 9.66 -9.42
N ILE B 42 -14.35 9.02 -10.18
CA ILE B 42 -15.82 9.11 -9.94
C ILE B 42 -16.14 8.68 -8.51
N ARG B 43 -15.56 7.55 -8.08
CA ARG B 43 -15.81 7.05 -6.72
C ARG B 43 -15.31 8.02 -5.65
N TRP B 44 -14.11 8.60 -5.83
CA TRP B 44 -13.60 9.56 -4.86
C TRP B 44 -14.47 10.81 -4.79
N VAL B 45 -14.88 11.34 -5.95
CA VAL B 45 -15.72 12.55 -5.97
C VAL B 45 -17.07 12.28 -5.26
N CYS B 46 -17.66 11.10 -5.51
CA CYS B 46 -18.92 10.69 -4.87
C CYS B 46 -18.77 10.47 -3.40
N GLU B 47 -17.63 9.90 -3.01
CA GLU B 47 -17.37 9.62 -1.61
C GLU B 47 -17.33 10.90 -0.79
N GLU B 48 -16.75 11.94 -1.35
CA GLU B 48 -16.56 13.15 -0.61
C GLU B 48 -17.60 14.23 -0.83
N ILE B 49 -18.50 14.04 -1.81
CA ILE B 49 -19.63 14.98 -2.01
C ILE B 49 -20.90 14.16 -1.79
N PRO B 50 -21.44 14.13 -0.53
CA PRO B 50 -22.64 13.30 -0.26
C PRO B 50 -23.86 13.57 -1.15
N ASP B 51 -24.11 14.84 -1.52
CA ASP B 51 -25.25 15.13 -2.44
C ASP B 51 -25.06 14.40 -3.78
N LEU B 52 -23.80 14.35 -4.25
CA LEU B 52 -23.48 13.69 -5.52
C LEU B 52 -23.74 12.18 -5.47
N LYS B 53 -23.30 11.53 -4.39
CA LYS B 53 -23.56 10.10 -4.18
C LYS B 53 -25.08 9.85 -4.23
N LEU B 54 -25.88 10.73 -3.57
CA LEU B 54 -27.35 10.67 -3.58
C LEU B 54 -27.92 10.81 -4.98
N ALA B 55 -27.41 11.80 -5.76
CA ALA B 55 -27.94 12.06 -7.10
C ALA B 55 -27.56 11.00 -8.12
N MET B 56 -26.35 10.44 -8.02
CA MET B 56 -25.94 9.47 -9.03
C MET B 56 -26.66 8.12 -8.94
N GLU B 57 -27.11 7.60 -10.10
CA GLU B 57 -27.71 6.26 -10.25
C GLU B 57 -26.49 5.32 -10.14
N ASN B 58 -26.24 4.87 -8.92
CA ASN B 58 -25.07 4.10 -8.50
C ASN B 58 -24.93 2.68 -9.10
N TYR B 59 -25.99 2.14 -9.75
CA TYR B 59 -25.95 0.81 -10.38
C TYR B 59 -24.87 0.72 -11.47
N VAL B 60 -24.50 1.87 -12.12
CA VAL B 60 -23.45 1.87 -13.16
C VAL B 60 -22.09 1.56 -12.61
N LEU B 61 -21.84 1.86 -11.32
CA LEU B 61 -20.55 1.56 -10.69
C LEU B 61 -20.38 0.05 -10.43
N ILE B 62 -21.46 -0.70 -10.65
CA ILE B 62 -21.48 -2.16 -10.58
C ILE B 62 -21.44 -2.64 -12.05
N ASP B 63 -22.39 -2.15 -12.88
CA ASP B 63 -22.59 -2.47 -14.30
C ASP B 63 -21.71 -1.65 -15.27
N TYR B 64 -20.40 -2.02 -15.38
CA TYR B 64 -19.50 -1.37 -16.34
C TYR B 64 -18.55 -2.39 -16.97
N ASP B 65 -18.12 -2.11 -18.21
CA ASP B 65 -17.18 -2.94 -18.95
C ASP B 65 -16.11 -1.99 -19.48
N THR B 66 -14.89 -2.07 -18.90
CA THR B 66 -13.76 -1.20 -19.29
C THR B 66 -13.32 -1.38 -20.73
N LYS B 67 -13.71 -2.50 -21.38
CA LYS B 67 -13.37 -2.79 -22.78
C LYS B 67 -14.48 -2.40 -23.70
N SER B 68 -15.48 -1.68 -23.20
CA SER B 68 -16.60 -1.27 -24.04
C SER B 68 -16.72 0.24 -24.03
N PHE B 69 -16.56 0.86 -25.21
CA PHE B 69 -16.67 2.34 -25.32
C PHE B 69 -18.05 2.82 -24.84
N GLU B 70 -19.12 2.14 -25.28
CA GLU B 70 -20.50 2.47 -24.91
C GLU B 70 -20.74 2.35 -23.40
N SER B 71 -20.21 1.29 -22.77
CA SER B 71 -20.38 1.08 -21.33
C SER B 71 -19.62 2.17 -20.51
N MET B 72 -18.38 2.50 -20.91
CA MET B 72 -17.59 3.54 -20.27
C MET B 72 -18.22 4.93 -20.48
N GLN B 73 -18.79 5.16 -21.67
CA GLN B 73 -19.48 6.41 -21.98
C GLN B 73 -20.72 6.57 -21.09
N ARG B 74 -21.48 5.49 -20.85
CA ARG B 74 -22.68 5.49 -20.01
C ARG B 74 -22.28 5.81 -18.56
N LEU B 75 -21.17 5.20 -18.08
CA LEU B 75 -20.65 5.45 -16.75
C LEU B 75 -20.32 6.96 -16.56
N CYS B 76 -19.59 7.56 -17.52
CA CYS B 76 -19.21 8.97 -17.48
C CYS B 76 -20.42 9.87 -17.57
N ASP B 77 -21.39 9.49 -18.40
CA ASP B 77 -22.63 10.22 -18.59
C ASP B 77 -23.47 10.28 -17.29
N LYS B 78 -23.59 9.15 -16.57
CA LYS B 78 -24.33 9.09 -15.31
C LYS B 78 -23.68 10.02 -14.28
N TYR B 79 -22.35 9.99 -14.20
CA TYR B 79 -21.60 10.86 -13.30
C TYR B 79 -21.83 12.34 -13.72
N ASN B 80 -21.67 12.66 -15.01
CA ASN B 80 -21.83 14.03 -15.51
C ASN B 80 -23.23 14.61 -15.29
N ARG B 81 -24.26 13.77 -15.43
CA ARG B 81 -25.65 14.17 -15.20
C ARG B 81 -25.87 14.43 -13.70
N ALA B 82 -25.24 13.63 -12.83
CA ALA B 82 -25.32 13.83 -11.38
C ALA B 82 -24.65 15.15 -11.01
N ILE B 83 -23.48 15.44 -11.61
CA ILE B 83 -22.76 16.72 -11.40
C ILE B 83 -23.66 17.90 -11.81
N ASP B 84 -24.32 17.80 -12.96
CA ASP B 84 -25.24 18.85 -13.44
C ASP B 84 -26.38 19.07 -12.44
N SER B 85 -26.96 17.97 -11.88
CA SER B 85 -28.08 18.09 -10.91
C SER B 85 -27.59 18.78 -9.63
N ILE B 86 -26.41 18.42 -9.10
CA ILE B 86 -25.91 19.07 -7.87
C ILE B 86 -25.55 20.53 -8.12
N HIS B 87 -25.05 20.88 -9.33
CA HIS B 87 -24.79 22.28 -9.70
C HIS B 87 -26.11 23.08 -9.73
N GLN B 88 -27.22 22.45 -10.13
CA GLN B 88 -28.54 23.11 -10.08
C GLN B 88 -29.01 23.26 -8.62
N LEU B 89 -28.84 22.20 -7.82
CA LEU B 89 -29.19 22.21 -6.40
C LEU B 89 -28.42 23.33 -5.68
N TRP B 90 -27.11 23.44 -5.94
CA TRP B 90 -26.28 24.46 -5.30
C TRP B 90 -26.59 25.88 -5.75
N LYS B 91 -27.11 26.05 -6.99
CA LYS B 91 -27.54 27.32 -7.59
C LYS B 91 -28.80 27.80 -6.81
N GLY B 92 -29.72 26.86 -6.49
CA GLY B 92 -30.93 27.13 -5.73
C GLY B 92 -30.70 27.31 -4.24
N THR B 93 -29.78 26.54 -3.63
CA THR B 93 -29.54 26.64 -2.18
C THR B 93 -28.66 27.85 -1.81
N LEU B 99 -15.79 22.55 0.49
CA LEU B 99 -15.19 21.79 -0.61
C LEU B 99 -13.80 22.32 -0.97
N ASN B 100 -13.62 23.66 -0.92
CA ASN B 100 -12.32 24.30 -1.22
C ASN B 100 -11.39 24.18 -0.01
N THR B 101 -10.92 22.95 0.24
CA THR B 101 -10.09 22.66 1.39
C THR B 101 -8.86 21.82 0.99
N ARG B 102 -8.05 21.40 1.97
CA ARG B 102 -6.91 20.54 1.67
C ARG B 102 -7.49 19.17 1.33
N PRO B 103 -6.89 18.40 0.42
CA PRO B 103 -7.44 17.07 0.13
C PRO B 103 -7.27 16.12 1.33
N SER B 104 -8.15 15.13 1.46
CA SER B 104 -7.98 14.10 2.48
C SER B 104 -6.72 13.29 2.10
N THR B 105 -6.17 12.51 3.03
CA THR B 105 -5.01 11.66 2.72
C THR B 105 -5.33 10.67 1.58
N GLY B 106 -6.51 10.04 1.63
CA GLY B 106 -6.93 9.11 0.58
C GLY B 106 -7.06 9.78 -0.79
N LEU B 107 -7.70 10.95 -0.84
CA LEU B 107 -7.82 11.65 -2.12
C LEU B 107 -6.44 12.09 -2.64
N LEU B 108 -5.59 12.59 -1.75
CA LEU B 108 -4.23 12.99 -2.12
C LEU B 108 -3.43 11.82 -2.73
N ARG B 109 -3.51 10.62 -2.15
CA ARG B 109 -2.81 9.46 -2.73
C ARG B 109 -3.28 9.24 -4.19
N HIS B 110 -4.59 9.32 -4.41
CA HIS B 110 -5.21 9.20 -5.74
C HIS B 110 -4.71 10.31 -6.68
N ILE B 111 -4.74 11.57 -6.22
CA ILE B 111 -4.28 12.72 -7.02
C ILE B 111 -2.82 12.59 -7.45
N LEU B 112 -1.94 12.23 -6.49
CA LEU B 112 -0.51 12.11 -6.84
C LEU B 112 -0.26 11.01 -7.86
N GLN B 113 -0.96 9.88 -7.72
CA GLN B 113 -0.82 8.76 -8.67
C GLN B 113 -1.29 9.22 -10.08
N GLN B 114 -2.41 9.91 -10.11
CA GLN B 114 -3.04 10.44 -11.32
C GLN B 114 -2.11 11.47 -11.99
N VAL B 115 -1.52 12.40 -11.21
CA VAL B 115 -0.57 13.40 -11.71
C VAL B 115 0.65 12.69 -12.32
N TYR B 116 1.16 11.65 -11.66
CA TYR B 116 2.29 10.86 -12.14
C TYR B 116 1.94 10.16 -13.47
N ASN B 117 0.78 9.46 -13.53
CA ASN B 117 0.40 8.72 -14.73
C ASN B 117 0.16 9.63 -15.95
N HIS B 118 -0.27 10.89 -15.74
CA HIS B 118 -0.44 11.86 -16.81
C HIS B 118 0.87 12.57 -17.16
N SER B 119 1.90 12.48 -16.29
CA SER B 119 3.17 13.19 -16.50
C SER B 119 4.32 12.31 -16.95
N VAL B 120 4.53 11.18 -16.27
CA VAL B 120 5.63 10.27 -16.56
C VAL B 120 5.12 9.16 -17.48
N THR B 121 5.01 9.50 -18.76
CA THR B 121 4.47 8.65 -19.83
C THR B 121 5.47 7.61 -20.31
N ASP B 122 6.77 7.87 -20.13
CA ASP B 122 7.83 6.92 -20.50
C ASP B 122 8.71 6.69 -19.24
N PRO B 123 8.24 5.86 -18.27
CA PRO B 123 9.01 5.64 -17.03
C PRO B 123 10.41 5.04 -17.21
N GLU B 124 10.64 4.31 -18.33
CA GLU B 124 11.94 3.70 -18.67
C GLU B 124 13.06 4.75 -18.75
N LYS B 125 12.73 5.97 -19.23
CA LYS B 125 13.63 7.11 -19.39
C LYS B 125 14.27 7.58 -18.08
N LEU B 126 13.61 7.31 -16.92
CA LEU B 126 14.12 7.68 -15.60
C LEU B 126 15.41 6.93 -15.25
N ASN B 127 15.55 5.66 -15.75
CA ASN B 127 16.68 4.74 -15.52
C ASN B 127 16.97 4.57 -14.01
N ASN B 128 15.88 4.40 -13.23
CA ASN B 128 15.91 4.26 -11.77
C ASN B 128 15.43 2.86 -11.34
N TYR B 129 16.36 2.06 -10.79
CA TYR B 129 16.16 0.68 -10.35
C TYR B 129 16.15 0.55 -8.81
N GLU B 130 16.11 1.69 -8.10
CA GLU B 130 16.17 1.76 -6.65
C GLU B 130 14.83 1.69 -5.93
N PRO B 131 14.79 1.20 -4.65
CA PRO B 131 13.56 1.33 -3.86
C PRO B 131 13.37 2.83 -3.60
N PHE B 132 12.15 3.28 -3.25
CA PHE B 132 11.82 4.68 -3.00
C PHE B 132 12.19 5.59 -4.19
N SER B 133 11.88 5.11 -5.41
CA SER B 133 12.11 5.83 -6.67
C SER B 133 10.72 6.28 -7.19
N PRO B 134 10.63 7.26 -8.14
CA PRO B 134 9.31 7.74 -8.59
C PRO B 134 8.28 6.69 -9.00
N GLU B 135 8.70 5.62 -9.68
CA GLU B 135 7.83 4.55 -10.19
C GLU B 135 7.13 3.75 -9.09
N VAL B 136 7.69 3.75 -7.86
CA VAL B 136 7.11 3.02 -6.72
C VAL B 136 6.66 3.97 -5.57
N TYR B 137 6.49 5.29 -5.86
CA TYR B 137 6.12 6.27 -4.83
C TYR B 137 4.88 5.84 -3.99
N GLY B 138 3.89 5.26 -4.66
CA GLY B 138 2.68 4.82 -3.98
C GLY B 138 2.86 3.65 -3.01
N GLU B 139 3.93 2.84 -3.15
CA GLU B 139 4.12 1.65 -2.31
C GLU B 139 4.38 1.93 -0.80
N THR B 140 5.46 2.67 -0.48
CA THR B 140 5.84 2.97 0.91
C THR B 140 6.11 4.48 1.07
N SER B 141 6.64 5.15 0.02
CA SER B 141 7.02 6.56 0.11
C SER B 141 5.87 7.43 0.58
N PHE B 142 4.69 7.30 -0.08
CA PHE B 142 3.53 8.13 0.26
C PHE B 142 3.19 7.96 1.75
N ASP B 143 3.10 6.70 2.21
CA ASP B 143 2.73 6.42 3.60
C ASP B 143 3.77 6.94 4.58
N LEU B 144 5.07 6.79 4.25
CA LEU B 144 6.14 7.25 5.13
C LEU B 144 6.20 8.77 5.19
N VAL B 145 6.04 9.43 4.03
CA VAL B 145 5.97 10.89 3.96
C VAL B 145 4.77 11.42 4.78
N ALA B 146 3.60 10.75 4.70
CA ALA B 146 2.39 11.11 5.45
C ALA B 146 2.67 11.04 6.97
N GLN B 147 3.37 9.98 7.41
CA GLN B 147 3.78 9.80 8.82
C GLN B 147 4.72 10.93 9.26
N MET B 148 5.71 11.26 8.39
CA MET B 148 6.67 12.34 8.64
C MET B 148 5.90 13.68 8.80
N ILE B 149 4.93 13.95 7.93
CA ILE B 149 4.10 15.17 7.98
C ILE B 149 3.41 15.29 9.36
N ASP B 150 2.79 14.20 9.84
CA ASP B 150 2.09 14.12 11.14
C ASP B 150 3.03 14.31 12.32
N GLU B 151 4.28 13.83 12.21
CA GLU B 151 5.29 13.93 13.26
C GLU B 151 5.98 15.31 13.33
N ILE B 152 6.48 15.77 12.19
CA ILE B 152 7.25 17.00 12.06
C ILE B 152 6.25 18.10 11.88
N LYS B 153 5.89 18.77 12.97
CA LYS B 153 4.87 19.84 12.90
C LYS B 153 5.47 21.03 12.18
N MET B 154 4.78 21.48 11.15
CA MET B 154 5.21 22.58 10.29
C MET B 154 4.15 23.68 10.31
N THR B 155 4.59 24.94 10.36
CA THR B 155 3.70 26.10 10.41
C THR B 155 4.00 27.06 9.23
N ASP B 156 3.28 28.20 9.15
CA ASP B 156 3.46 29.20 8.08
C ASP B 156 4.82 29.93 8.16
N ASP B 157 5.57 29.74 9.25
CA ASP B 157 6.91 30.31 9.42
C ASP B 157 7.98 29.39 8.82
N ASP B 158 7.61 28.15 8.45
CA ASP B 158 8.57 27.18 7.91
C ASP B 158 8.78 27.29 6.42
N LEU B 159 9.98 26.95 5.98
CA LEU B 159 10.37 26.85 4.57
C LEU B 159 10.86 25.43 4.42
N PHE B 160 10.24 24.69 3.51
CA PHE B 160 10.55 23.28 3.29
C PHE B 160 11.32 23.11 1.99
N VAL B 161 12.41 22.31 2.03
CA VAL B 161 13.20 22.03 0.82
C VAL B 161 13.49 20.54 0.72
N ASP B 162 13.19 19.91 -0.44
CA ASP B 162 13.58 18.53 -0.73
C ASP B 162 14.84 18.62 -1.63
N LEU B 163 15.99 18.16 -1.10
CA LEU B 163 17.28 18.17 -1.81
C LEU B 163 17.39 16.90 -2.64
N GLY B 164 17.24 17.04 -3.97
CA GLY B 164 17.23 15.91 -4.91
C GLY B 164 15.80 15.39 -5.02
N SER B 165 14.90 16.27 -5.48
CA SER B 165 13.46 16.05 -5.48
C SER B 165 12.88 15.12 -6.56
N GLY B 166 13.71 14.57 -7.45
CA GLY B 166 13.24 13.69 -8.53
C GLY B 166 12.24 14.38 -9.44
N VAL B 167 11.02 13.80 -9.52
CA VAL B 167 9.93 14.36 -10.34
C VAL B 167 9.03 15.29 -9.48
N GLY B 168 9.43 15.52 -8.23
CA GLY B 168 8.79 16.43 -7.27
C GLY B 168 7.68 15.87 -6.41
N GLN B 169 7.54 14.54 -6.32
CA GLN B 169 6.44 13.90 -5.58
C GLN B 169 6.36 14.28 -4.09
N VAL B 170 7.50 14.34 -3.39
CA VAL B 170 7.51 14.68 -1.97
C VAL B 170 7.03 16.13 -1.77
N VAL B 171 7.55 17.05 -2.60
CA VAL B 171 7.19 18.47 -2.55
C VAL B 171 5.67 18.64 -2.73
N LEU B 172 5.11 17.98 -3.75
CA LEU B 172 3.65 18.04 -4.02
C LEU B 172 2.85 17.49 -2.82
N GLN B 173 3.30 16.38 -2.23
CA GLN B 173 2.57 15.78 -1.09
C GLN B 173 2.60 16.74 0.12
N VAL B 174 3.80 17.24 0.44
CA VAL B 174 3.99 18.16 1.57
C VAL B 174 3.23 19.48 1.34
N ALA B 175 3.29 20.04 0.13
CA ALA B 175 2.56 21.29 -0.19
C ALA B 175 1.03 21.11 -0.09
N ALA B 176 0.53 19.92 -0.45
CA ALA B 176 -0.93 19.68 -0.35
C ALA B 176 -1.35 19.51 1.11
N ALA B 177 -0.43 19.07 1.98
CA ALA B 177 -0.73 18.78 3.39
C ALA B 177 -0.40 19.87 4.41
N THR B 178 0.63 20.70 4.16
CA THR B 178 1.05 21.69 5.17
C THR B 178 0.83 23.14 4.77
N ASN B 179 1.02 24.05 5.73
CA ASN B 179 0.91 25.48 5.45
C ASN B 179 2.28 26.20 5.49
N CYS B 180 3.41 25.49 5.21
CA CYS B 180 4.75 26.13 5.10
C CYS B 180 4.62 27.30 4.16
N LYS B 181 5.37 28.37 4.44
CA LYS B 181 5.43 29.59 3.63
C LYS B 181 5.69 29.23 2.15
N HIS B 182 6.65 28.32 1.91
CA HIS B 182 7.02 27.87 0.57
C HIS B 182 7.67 26.50 0.65
N HIS B 183 7.50 25.70 -0.39
CA HIS B 183 8.05 24.34 -0.52
C HIS B 183 8.90 24.35 -1.77
N TYR B 184 10.12 23.85 -1.68
CA TYR B 184 11.00 23.82 -2.84
C TYR B 184 11.49 22.41 -3.08
N GLY B 185 11.61 22.08 -4.35
CA GLY B 185 12.22 20.85 -4.80
C GLY B 185 13.36 21.23 -5.72
N VAL B 186 14.57 20.71 -5.46
CA VAL B 186 15.72 20.95 -6.33
C VAL B 186 16.24 19.61 -6.87
N GLU B 187 16.32 19.50 -8.19
CA GLU B 187 16.79 18.28 -8.84
C GLU B 187 17.83 18.61 -9.91
N LYS B 188 18.94 17.86 -9.92
CA LYS B 188 20.06 18.05 -10.85
C LYS B 188 19.89 17.30 -12.17
N ALA B 189 19.46 16.01 -12.11
CA ALA B 189 19.33 15.21 -13.32
C ALA B 189 18.29 15.74 -14.30
N ASP B 190 18.66 15.79 -15.60
CA ASP B 190 17.87 16.32 -16.70
C ASP B 190 16.49 15.67 -16.91
N ILE B 191 16.41 14.32 -17.02
CA ILE B 191 15.15 13.60 -17.26
C ILE B 191 14.12 13.83 -16.10
N PRO B 192 14.43 13.58 -14.79
CA PRO B 192 13.42 13.84 -13.74
C PRO B 192 13.06 15.32 -13.61
N ALA B 193 14.03 16.24 -13.78
CA ALA B 193 13.74 17.69 -13.73
C ALA B 193 12.78 18.12 -14.87
N LYS B 194 12.92 17.51 -16.07
CA LYS B 194 12.01 17.79 -17.19
C LYS B 194 10.60 17.25 -16.86
N TYR B 195 10.52 16.01 -16.33
CA TYR B 195 9.25 15.42 -15.91
C TYR B 195 8.57 16.22 -14.79
N ALA B 196 9.39 16.81 -13.86
CA ALA B 196 8.92 17.66 -12.76
C ALA B 196 8.13 18.86 -13.27
N GLU B 197 8.53 19.42 -14.44
CA GLU B 197 7.81 20.55 -15.07
C GLU B 197 6.39 20.13 -15.46
N THR B 198 6.22 18.91 -15.99
CA THR B 198 4.88 18.38 -16.32
C THR B 198 4.12 18.06 -15.03
N MET B 199 4.79 17.43 -14.04
CA MET B 199 4.17 17.10 -12.74
C MET B 199 3.56 18.35 -12.11
N ASP B 200 4.31 19.47 -12.16
CA ASP B 200 3.91 20.77 -11.64
C ASP B 200 2.59 21.26 -12.29
N ARG B 201 2.53 21.27 -13.64
CA ARG B 201 1.36 21.68 -14.43
C ARG B 201 0.17 20.75 -14.13
N GLU B 202 0.39 19.42 -14.19
CA GLU B 202 -0.66 18.41 -13.95
C GLU B 202 -1.21 18.48 -12.54
N PHE B 203 -0.35 18.72 -11.52
CA PHE B 203 -0.79 18.84 -10.13
C PHE B 203 -1.69 20.06 -9.95
N ARG B 204 -1.28 21.24 -10.44
CA ARG B 204 -2.08 22.47 -10.34
C ARG B 204 -3.43 22.30 -11.05
N LYS B 205 -3.44 21.67 -12.24
CA LYS B 205 -4.64 21.41 -13.03
C LYS B 205 -5.61 20.47 -12.28
N TRP B 206 -5.13 19.29 -11.82
CA TRP B 206 -5.97 18.33 -11.11
C TRP B 206 -6.46 18.86 -9.79
N MET B 207 -5.60 19.56 -9.02
CA MET B 207 -6.05 20.15 -7.74
C MET B 207 -7.19 21.15 -7.98
N LYS B 208 -7.09 21.94 -9.06
CA LYS B 208 -8.16 22.86 -9.46
C LYS B 208 -9.41 22.07 -9.88
N TRP B 209 -9.25 20.93 -10.60
CA TRP B 209 -10.39 20.10 -11.04
C TRP B 209 -11.19 19.59 -9.82
N TYR B 210 -10.51 19.11 -8.78
CA TYR B 210 -11.14 18.61 -7.54
C TYR B 210 -11.59 19.73 -6.63
N GLY B 211 -11.05 20.94 -6.84
CA GLY B 211 -11.34 22.11 -6.02
C GLY B 211 -10.60 22.09 -4.70
N LYS B 212 -9.35 21.59 -4.72
CA LYS B 212 -8.52 21.43 -3.52
C LYS B 212 -7.39 22.44 -3.45
N LYS B 213 -7.12 22.89 -2.21
CA LYS B 213 -6.10 23.89 -1.91
C LYS B 213 -4.74 23.23 -1.64
N HIS B 214 -3.65 23.95 -1.93
CA HIS B 214 -2.29 23.51 -1.63
C HIS B 214 -1.47 24.77 -1.32
N ALA B 215 -0.38 24.59 -0.59
CA ALA B 215 0.54 25.67 -0.26
C ALA B 215 1.36 26.00 -1.51
N GLU B 216 2.07 27.13 -1.50
CA GLU B 216 2.92 27.53 -2.61
C GLU B 216 4.13 26.62 -2.69
N TYR B 217 4.56 26.30 -3.91
CA TYR B 217 5.72 25.44 -4.09
C TYR B 217 6.41 25.77 -5.40
N THR B 218 7.69 25.40 -5.50
CA THR B 218 8.50 25.57 -6.70
C THR B 218 9.34 24.34 -6.91
N LEU B 219 9.30 23.80 -8.13
CA LEU B 219 10.15 22.68 -8.54
C LEU B 219 11.20 23.29 -9.46
N GLU B 220 12.47 23.15 -9.12
CA GLU B 220 13.49 23.75 -9.97
C GLU B 220 14.63 22.80 -10.28
N ARG B 221 15.30 23.05 -11.41
CA ARG B 221 16.49 22.31 -11.79
C ARG B 221 17.68 23.04 -11.17
N GLY B 222 18.60 22.28 -10.60
CA GLY B 222 19.79 22.85 -9.98
C GLY B 222 20.60 21.82 -9.22
N ASP B 223 21.77 22.23 -8.74
CA ASP B 223 22.70 21.42 -7.96
C ASP B 223 22.67 21.96 -6.54
N PHE B 224 22.16 21.16 -5.57
CA PHE B 224 22.04 21.59 -4.18
C PHE B 224 23.42 21.81 -3.48
N LEU B 225 24.52 21.42 -4.15
CA LEU B 225 25.88 21.63 -3.65
C LEU B 225 26.55 22.91 -4.21
N SER B 226 25.83 23.65 -5.07
CA SER B 226 26.34 24.91 -5.67
C SER B 226 26.43 26.04 -4.62
N GLU B 227 27.12 27.13 -4.99
CA GLU B 227 27.30 28.32 -4.15
C GLU B 227 25.99 29.01 -3.81
N GLU B 228 25.10 29.12 -4.81
CA GLU B 228 23.77 29.73 -4.69
C GLU B 228 22.95 28.97 -3.64
N TRP B 229 23.06 27.62 -3.63
CA TRP B 229 22.32 26.77 -2.70
C TRP B 229 22.89 26.75 -1.27
N ARG B 230 24.11 27.27 -1.03
CA ARG B 230 24.70 27.35 0.31
C ARG B 230 23.86 28.23 1.24
N GLU B 231 23.53 29.45 0.80
CA GLU B 231 22.72 30.38 1.60
C GLU B 231 21.28 29.94 1.66
N ARG B 232 20.78 29.29 0.59
CA ARG B 232 19.41 28.77 0.53
C ARG B 232 19.19 27.66 1.55
N ILE B 233 20.16 26.74 1.71
CA ILE B 233 20.09 25.68 2.72
C ILE B 233 20.17 26.34 4.12
N ALA B 234 21.08 27.32 4.31
CA ALA B 234 21.25 28.05 5.59
C ALA B 234 19.93 28.72 6.06
N ASN B 235 19.10 29.16 5.10
CA ASN B 235 17.82 29.82 5.40
C ASN B 235 16.61 28.89 5.41
N THR B 236 16.82 27.56 5.26
CA THR B 236 15.73 26.57 5.24
C THR B 236 15.45 26.08 6.67
N SER B 237 14.18 25.99 7.07
CA SER B 237 13.87 25.50 8.42
C SER B 237 13.64 23.98 8.47
N VAL B 238 13.20 23.38 7.34
CA VAL B 238 12.98 21.92 7.22
C VAL B 238 13.59 21.41 5.92
N ILE B 239 14.63 20.61 6.04
CA ILE B 239 15.26 19.97 4.89
C ILE B 239 14.78 18.52 4.86
N PHE B 240 14.40 18.03 3.67
CA PHE B 240 14.05 16.62 3.46
C PHE B 240 15.12 16.12 2.51
N VAL B 241 15.75 14.99 2.82
CA VAL B 241 16.78 14.48 1.92
C VAL B 241 16.84 12.98 1.96
N ASN B 242 16.63 12.34 0.81
CA ASN B 242 16.74 10.89 0.72
C ASN B 242 18.23 10.62 0.40
N ASN B 243 19.07 10.58 1.44
CA ASN B 243 20.53 10.46 1.30
C ASN B 243 21.04 9.01 1.43
N PHE B 244 20.13 8.04 1.57
CA PHE B 244 20.45 6.62 1.72
C PHE B 244 21.61 6.12 0.81
N ALA B 245 21.58 6.45 -0.49
CA ALA B 245 22.56 6.01 -1.49
C ALA B 245 23.67 7.04 -1.82
N PHE B 246 23.74 8.16 -1.08
CA PHE B 246 24.75 9.20 -1.34
C PHE B 246 26.16 8.75 -0.96
N GLY B 247 27.14 9.16 -1.77
CA GLY B 247 28.55 8.89 -1.54
C GLY B 247 29.10 9.65 -0.33
N PRO B 248 30.35 9.34 0.12
CA PRO B 248 30.90 10.07 1.29
C PRO B 248 31.21 11.53 1.02
N GLU B 249 31.52 11.88 -0.23
CA GLU B 249 31.82 13.27 -0.61
C GLU B 249 30.58 14.16 -0.55
N VAL B 250 29.45 13.67 -1.07
CA VAL B 250 28.17 14.39 -1.05
C VAL B 250 27.72 14.54 0.41
N ASP B 251 27.80 13.45 1.19
CA ASP B 251 27.45 13.43 2.62
C ASP B 251 28.29 14.47 3.39
N HIS B 252 29.62 14.50 3.14
CA HIS B 252 30.56 15.44 3.73
C HIS B 252 30.17 16.89 3.36
N GLN B 253 29.93 17.14 2.06
CA GLN B 253 29.52 18.46 1.56
C GLN B 253 28.19 18.92 2.17
N LEU B 254 27.23 17.98 2.35
CA LEU B 254 25.93 18.29 2.96
C LEU B 254 26.06 18.70 4.42
N LYS B 255 26.90 17.99 5.20
CA LYS B 255 27.12 18.34 6.62
C LYS B 255 27.67 19.78 6.74
N GLU B 256 28.54 20.19 5.80
CA GLU B 256 29.11 21.54 5.74
C GLU B 256 27.99 22.57 5.49
N ARG B 257 27.04 22.24 4.59
CA ARG B 257 25.87 23.09 4.30
C ARG B 257 24.95 23.20 5.53
N PHE B 258 24.71 22.07 6.21
CA PHE B 258 23.83 22.00 7.38
C PHE B 258 24.39 22.78 8.56
N ALA B 259 25.74 22.84 8.69
CA ALA B 259 26.43 23.57 9.75
C ALA B 259 26.14 25.08 9.75
N ASN B 260 25.56 25.62 8.65
CA ASN B 260 25.17 27.04 8.54
C ASN B 260 23.69 27.26 8.86
N MET B 261 22.92 26.20 9.15
CA MET B 261 21.49 26.36 9.47
C MET B 261 21.26 27.03 10.83
N LYS B 262 20.06 27.60 11.02
CA LYS B 262 19.69 28.33 12.24
C LYS B 262 19.34 27.35 13.37
N GLU B 263 19.39 27.82 14.65
CA GLU B 263 18.99 27.01 15.81
C GLU B 263 17.56 26.51 15.58
N GLY B 264 17.31 25.25 15.88
CA GLY B 264 15.98 24.67 15.69
C GLY B 264 15.65 24.23 14.28
N GLY B 265 16.57 24.46 13.34
CA GLY B 265 16.45 24.01 11.95
C GLY B 265 16.41 22.49 11.95
N ARG B 266 15.62 21.88 11.06
CA ARG B 266 15.44 20.44 11.05
C ARG B 266 15.78 19.77 9.73
N ILE B 267 16.30 18.55 9.82
CA ILE B 267 16.64 17.72 8.67
C ILE B 267 16.00 16.35 8.88
N VAL B 268 15.21 15.91 7.90
CA VAL B 268 14.59 14.59 7.87
C VAL B 268 15.25 13.79 6.77
N SER B 269 15.86 12.65 7.14
CA SER B 269 16.63 11.88 6.17
C SER B 269 16.46 10.38 6.31
N SER B 270 16.97 9.62 5.31
CA SER B 270 16.91 8.15 5.29
C SER B 270 18.15 7.49 5.89
N LYS B 271 19.21 8.27 6.16
CA LYS B 271 20.43 7.80 6.80
C LYS B 271 20.91 8.93 7.73
N PRO B 272 21.26 8.67 9.03
CA PRO B 272 21.62 9.77 9.92
C PRO B 272 22.92 10.47 9.53
N PHE B 273 22.99 11.78 9.76
CA PHE B 273 24.17 12.60 9.46
C PHE B 273 25.15 12.61 10.62
N ALA B 274 24.71 12.17 11.79
CA ALA B 274 25.55 12.06 12.99
C ALA B 274 25.13 10.80 13.74
N PRO B 275 26.02 10.14 14.52
CA PRO B 275 25.58 8.93 15.25
C PRO B 275 24.50 9.25 16.26
N LEU B 276 23.60 8.30 16.47
CA LEU B 276 22.48 8.43 17.41
C LEU B 276 22.95 8.55 18.87
N ASN B 277 24.12 7.97 19.17
CA ASN B 277 24.73 7.95 20.50
C ASN B 277 25.99 8.84 20.56
N PHE B 278 26.03 9.93 19.75
CA PHE B 278 27.17 10.84 19.73
C PHE B 278 27.54 11.34 21.12
N ARG B 279 28.83 11.24 21.45
CA ARG B 279 29.39 11.69 22.72
C ARG B 279 30.55 12.63 22.41
N ILE B 280 30.35 13.92 22.68
CA ILE B 280 31.35 14.96 22.42
C ILE B 280 32.61 14.74 23.28
N ASN B 281 33.78 14.82 22.64
CA ASN B 281 35.09 14.70 23.28
C ASN B 281 36.11 15.57 22.51
N SER B 282 37.37 15.60 22.98
CA SER B 282 38.43 16.38 22.36
C SER B 282 38.82 15.93 20.93
N ARG B 283 38.50 14.68 20.56
CA ARG B 283 38.87 14.10 19.26
C ARG B 283 37.79 14.20 18.16
N ASN B 284 36.54 14.54 18.52
CA ASN B 284 35.47 14.63 17.53
C ASN B 284 34.79 16.00 17.47
N LEU B 285 35.49 17.07 17.91
CA LEU B 285 34.96 18.44 17.94
C LEU B 285 34.58 19.02 16.57
N SER B 286 35.17 18.49 15.48
CA SER B 286 34.92 18.93 14.12
C SER B 286 33.66 18.32 13.51
N ASP B 287 33.14 17.25 14.14
CA ASP B 287 31.98 16.50 13.65
C ASP B 287 30.65 17.26 13.79
N ILE B 288 29.73 17.02 12.85
CA ILE B 288 28.41 17.69 12.88
C ILE B 288 27.56 17.28 14.14
N GLY B 289 27.90 16.16 14.78
CA GLY B 289 27.23 15.69 15.99
C GLY B 289 27.26 16.66 17.16
N THR B 290 28.22 17.61 17.13
CA THR B 290 28.41 18.64 18.16
C THR B 290 27.33 19.74 18.11
N ILE B 291 26.62 19.91 16.98
CA ILE B 291 25.65 21.01 16.84
C ILE B 291 24.22 20.54 16.49
N MET B 292 23.92 19.24 16.63
CA MET B 292 22.59 18.73 16.34
C MET B 292 22.23 17.51 17.14
N ARG B 293 20.95 17.42 17.52
CA ARG B 293 20.36 16.26 18.18
C ARG B 293 19.84 15.40 17.01
N VAL B 294 19.94 14.07 17.13
CA VAL B 294 19.49 13.13 16.08
C VAL B 294 18.64 12.07 16.78
N VAL B 295 17.47 11.76 16.21
CA VAL B 295 16.58 10.71 16.72
C VAL B 295 16.10 9.83 15.55
N GLU B 296 15.92 8.54 15.81
CA GLU B 296 15.41 7.61 14.80
C GLU B 296 13.91 7.54 15.03
N LEU B 297 13.13 7.74 13.96
CA LEU B 297 11.69 7.68 14.04
C LEU B 297 11.17 6.51 13.22
N SER B 298 10.35 5.69 13.81
CA SER B 298 9.82 4.53 13.12
C SER B 298 8.32 4.45 13.29
N PRO B 299 7.57 4.37 12.18
CA PRO B 299 6.11 4.20 12.32
C PRO B 299 5.71 2.92 13.06
N LEU B 300 6.57 1.90 13.07
CA LEU B 300 6.30 0.66 13.82
C LEU B 300 6.28 0.90 15.35
N LYS B 301 6.91 1.99 15.83
CA LYS B 301 6.92 2.38 17.24
C LYS B 301 5.81 3.40 17.58
N GLY B 302 5.34 3.38 18.82
CA GLY B 302 4.27 4.26 19.29
C GLY B 302 2.88 3.80 18.91
N SER B 303 1.87 4.68 19.10
CA SER B 303 0.45 4.42 18.82
C SER B 303 0.05 4.70 17.35
N VAL B 304 0.79 4.07 16.41
CA VAL B 304 0.59 4.18 14.96
C VAL B 304 0.23 2.80 14.40
N SER B 305 -0.95 2.67 13.75
CA SER B 305 -1.40 1.41 13.13
C SER B 305 -0.67 1.12 11.78
N TRP B 306 0.68 1.10 11.82
CA TRP B 306 1.50 0.85 10.63
C TRP B 306 1.64 -0.64 10.38
N THR B 307 1.26 -1.10 9.17
CA THR B 307 1.40 -2.51 8.78
C THR B 307 2.22 -2.64 7.49
N GLY B 308 2.90 -1.57 7.09
CA GLY B 308 3.74 -1.60 5.90
C GLY B 308 5.13 -2.15 6.18
N LYS B 309 6.08 -1.79 5.30
CA LYS B 309 7.50 -2.18 5.45
C LYS B 309 8.15 -1.67 6.75
N PRO B 310 9.10 -2.43 7.31
CA PRO B 310 9.76 -1.99 8.56
C PRO B 310 10.81 -0.93 8.23
N VAL B 311 10.35 0.29 8.05
CA VAL B 311 11.21 1.41 7.66
C VAL B 311 11.40 2.39 8.82
N SER B 312 12.42 3.24 8.72
CA SER B 312 12.77 4.26 9.69
C SER B 312 13.23 5.50 8.95
N TYR B 313 13.18 6.65 9.60
CA TYR B 313 13.75 7.90 9.12
C TYR B 313 14.41 8.60 10.29
N TYR B 314 15.23 9.60 10.00
CA TYR B 314 16.05 10.26 11.00
C TYR B 314 15.76 11.73 11.07
N LEU B 315 15.45 12.21 12.28
CA LEU B 315 15.18 13.63 12.51
C LEU B 315 16.37 14.28 13.20
N HIS B 316 16.94 15.32 12.57
CA HIS B 316 18.07 16.08 13.07
C HIS B 316 17.58 17.50 13.42
N THR B 317 17.95 18.00 14.61
CA THR B 317 17.54 19.34 15.03
C THR B 317 18.80 20.13 15.41
N ILE B 318 19.04 21.26 14.71
CA ILE B 318 20.19 22.14 15.00
C ILE B 318 20.09 22.62 16.44
N ASP B 319 21.09 22.27 17.27
CA ASP B 319 21.20 22.56 18.70
C ASP B 319 22.67 22.79 19.11
N ARG B 320 23.07 24.07 19.16
CA ARG B 320 24.44 24.48 19.49
C ARG B 320 24.75 24.46 20.99
N THR B 321 23.75 24.10 21.84
CA THR B 321 23.94 23.99 23.30
C THR B 321 24.85 22.80 23.63
N ILE B 322 24.93 21.79 22.73
CA ILE B 322 25.82 20.61 22.90
C ILE B 322 27.30 21.07 22.92
N LEU B 323 27.70 21.87 21.92
CA LEU B 323 29.04 22.42 21.80
C LEU B 323 29.31 23.45 22.90
N GLU B 324 28.28 24.27 23.22
CA GLU B 324 28.28 25.34 24.22
C GLU B 324 28.54 24.80 25.64
N ASN B 325 27.94 23.63 25.98
CA ASN B 325 28.11 23.00 27.29
C ASN B 325 29.48 22.34 27.47
N TYR B 326 30.04 21.74 26.37
CA TYR B 326 31.36 21.11 26.37
C TYR B 326 32.46 22.13 26.70
N PHE B 327 32.45 23.30 26.01
CA PHE B 327 33.43 24.37 26.24
C PHE B 327 33.33 24.91 27.67
N SER B 328 32.10 25.06 28.20
CA SER B 328 31.83 25.52 29.57
C SER B 328 32.42 24.54 30.60
N SER B 329 32.32 23.23 30.32
CA SER B 329 32.86 22.14 31.16
C SER B 329 34.39 22.12 31.17
N LEU B 330 35.05 22.52 30.04
CA LEU B 330 36.52 22.61 29.97
C LEU B 330 37.04 23.78 30.78
N LYS B 331 36.28 24.90 30.78
CA LYS B 331 36.60 26.15 31.48
C LYS B 331 36.21 26.13 32.97
N ASN B 332 35.32 25.19 33.37
CA ASN B 332 34.86 25.00 34.75
C ASN B 332 35.09 23.55 35.17
C1 N4W C . -12.05 -7.11 -5.86
C2 N4W C . -12.47 -6.27 -4.82
C3 N4W C . -13.14 -5.08 -5.10
C11 N4W C . -16.07 -3.86 -6.57
C12 N4W C . -10.91 -8.58 -4.25
C13 N4W C . -9.79 -9.63 -4.25
C15 N4W C . -8.73 -11.38 -5.48
C16 N4W C . -7.84 -11.61 -4.42
C17 N4W C . -7.94 -10.83 -3.26
C18 N4W C . -8.92 -9.82 -3.16
C19 N4W C . -12.08 -9.19 -3.47
C20 N4W C . -12.95 -10.14 -4.05
C21 N4W C . -13.99 -10.73 -3.29
C22 N4W C . -14.15 -10.40 -1.94
C23 N4W C . -13.23 -9.50 -1.34
C24 N4W C . -12.23 -8.89 -2.10
C27 N4W C . -11.58 -7.52 -9.47
C29 N4W C . -10.95 -8.57 -11.52
C30 N4W C . -10.81 -7.31 -12.13
C4 N4W C . -13.45 -4.77 -6.44
C5 N4W C . -13.06 -5.62 -7.48
C6 N4W C . -12.34 -6.80 -7.20
N7 N4W C . -11.31 -8.21 -5.60
S8 N4W C . -14.36 -3.31 -6.76
O9 N4W C . -14.10 -2.98 -8.16
O10 N4W C . -14.03 -2.35 -5.74
N14 N4W C . -9.67 -10.41 -5.35
CL1 N4W C . -13.38 -9.04 0.36
N26 N4W C . -11.97 -7.70 -8.17
N28 N4W C . -11.34 -8.63 -10.21
C31 N4W C . -11.08 -6.16 -11.35
N32 N4W C . -11.46 -6.29 -10.06
C1 N4W D . 13.79 6.04 2.57
C2 N4W D . 13.14 5.84 3.80
C3 N4W D . 13.58 4.87 4.69
C11 N4W D . 16.36 3.69 6.51
C12 N4W D . 12.21 7.82 1.94
C13 N4W D . 11.69 8.46 0.67
C15 N4W D . 12.23 9.27 -1.49
C16 N4W D . 10.92 9.73 -1.65
C17 N4W D . 9.97 9.54 -0.61
C18 N4W D . 10.37 8.92 0.57
C19 N4W D . 12.54 8.97 2.93
C20 N4W D . 13.75 9.70 2.87
C21 N4W D . 14.01 10.75 3.78
C22 N4W D . 13.07 11.09 4.77
C23 N4W D . 11.86 10.38 4.83
C24 N4W D . 11.60 9.33 3.92
C27 N4W D . 16.09 4.61 0.15
C29 N4W D . 17.35 4.35 -1.85
C30 N4W D . 17.40 2.96 -1.65
C4 N4W D . 14.67 4.07 4.34
C5 N4W D . 15.30 4.23 3.11
C6 N4W D . 14.87 5.22 2.19
N7 N4W D . 13.37 6.98 1.69
S8 N4W D . 15.20 2.79 5.45
O9 N4W D . 15.90 1.80 4.69
O10 N4W D . 14.03 2.40 6.20
N14 N4W D . 12.57 8.64 -0.35
CL1 N4W D . 10.63 10.79 6.02
N26 N4W D . 15.51 5.47 1.02
N28 N4W D . 16.68 5.13 -0.95
C31 N4W D . 16.76 2.43 -0.52
N32 N4W D . 16.11 3.25 0.35
#